data_8F8X
#
_entry.id   8F8X
#
_cell.length_a   125.577
_cell.length_b   92.233
_cell.length_c   76.497
_cell.angle_alpha   90.000
_cell.angle_beta   117.040
_cell.angle_gamma   90.000
#
_symmetry.space_group_name_H-M   'C 1 2 1'
#
loop_
_entity.id
_entity.type
_entity.pdbx_description
1 polymer 'Uncharacterized protein DKFZp686C11235'
2 polymer Nb.X0
3 branched 2-acetamido-2-deoxy-beta-D-glucopyranose-(1-2)-alpha-D-mannopyranose-(1-3)-[2-acetamido-2-deoxy-beta-D-glucopyranose-(1-2)-alpha-D-mannopyranose-(1-6)]beta-D-mannopyranose-(1-4)-2-acetamido-2-deoxy-beta-D-glucopyranose-(1-4)-2-acetamido-2-deoxy-beta-D-glucopyranose
4 water water
#
loop_
_entity_poly.entity_id
_entity_poly.type
_entity_poly.pdbx_seq_one_letter_code
_entity_poly.pdbx_strand_id
1 'polypeptide(L)'
;DKTHTCPPCPAPELLGGPSVFLFPPKPKDTLMISRTPEVTCVVVDVSHEDPEVKFNWYVDGVEVHNAKTKPREEQYNSTY
RVVSVLTVLHQDWLNGKEYKCKVSNKALPAPIEKTISKAKGQPREPQVYTLPPSREEMTKNQVSLTCLVKGFYPSDIAVE
WRSNGQPENNYKTTPPVLDSDGSFFLYSKLTVDKSRWQQGNVFSCSVMHEALHNHYTQKSLSLS
;
A,B
2 'polypeptide(L)'
;QVQLQESGGGLVQAGGSLRLSCAASPGISRYKTMGWYRQAPGKERSFVAAITWGGLTYYADSVKGRFTVSRDNAKNTVYL
QMNSLKPEDTAVYYCSVDGGTRADPYHYYWGQGTQVTVSS
;
C,D
#
# COMPACT_ATOMS: atom_id res chain seq x y z
N PRO A 18 6.07 -15.97 -0.53
CA PRO A 18 6.28 -14.97 -1.59
C PRO A 18 5.02 -14.19 -1.94
N SER A 19 5.19 -12.92 -2.31
CA SER A 19 4.09 -12.07 -2.71
C SER A 19 4.34 -11.62 -4.14
N VAL A 20 3.27 -11.35 -4.87
CA VAL A 20 3.38 -11.00 -6.28
C VAL A 20 2.61 -9.73 -6.56
N PHE A 21 3.19 -8.85 -7.37
CA PHE A 21 2.58 -7.58 -7.73
C PHE A 21 2.74 -7.35 -9.22
N LEU A 22 1.65 -6.97 -9.86
CA LEU A 22 1.60 -6.79 -11.30
C LEU A 22 1.28 -5.35 -11.60
N PHE A 23 2.13 -4.71 -12.39
CA PHE A 23 1.92 -3.29 -12.57
C PHE A 23 1.56 -2.96 -14.01
N PRO A 24 0.68 -2.00 -14.20
CA PRO A 24 0.29 -1.62 -15.57
C PRO A 24 1.43 -0.90 -16.25
N PRO A 25 1.32 -0.67 -17.56
CA PRO A 25 2.27 0.23 -18.22
C PRO A 25 2.05 1.66 -17.77
N LYS A 26 3.00 2.49 -18.10
CA LYS A 26 2.78 3.86 -17.71
C LYS A 26 1.86 4.52 -18.75
N PRO A 27 0.96 5.40 -18.31
CA PRO A 27 0.00 6.01 -19.26
C PRO A 27 0.64 6.63 -20.50
N LYS A 28 1.71 7.37 -20.31
CA LYS A 28 2.37 8.09 -21.39
C LYS A 28 2.74 7.14 -22.49
N ASP A 29 3.33 6.03 -22.06
CA ASP A 29 3.96 5.05 -22.95
C ASP A 29 2.91 4.40 -23.81
N THR A 30 1.69 4.17 -23.26
CA THR A 30 0.62 3.58 -24.07
C THR A 30 -0.09 4.62 -24.92
N LEU A 31 0.05 5.90 -24.60
CA LEU A 31 -0.65 6.93 -25.35
C LEU A 31 0.14 7.41 -26.54
N MET A 32 1.45 7.54 -26.39
CA MET A 32 2.27 7.99 -27.51
C MET A 32 2.80 6.78 -28.24
N ILE A 33 2.76 6.84 -29.57
CA ILE A 33 3.40 5.79 -30.34
C ILE A 33 4.90 5.81 -30.20
N SER A 34 5.48 6.90 -29.69
CA SER A 34 6.92 7.08 -29.68
C SER A 34 7.55 6.48 -28.45
N ARG A 35 6.81 5.59 -27.78
CA ARG A 35 7.21 5.07 -26.50
C ARG A 35 6.65 3.67 -26.37
N THR A 36 7.37 2.81 -25.63
CA THR A 36 7.03 1.40 -25.58
C THR A 36 6.43 1.04 -24.23
N PRO A 37 5.19 0.54 -24.22
CA PRO A 37 4.55 0.13 -22.96
C PRO A 37 5.05 -1.23 -22.47
N GLU A 38 5.25 -1.34 -21.16
CA GLU A 38 5.73 -2.55 -20.52
C GLU A 38 4.76 -2.99 -19.44
N VAL A 39 4.64 -4.30 -19.22
CA VAL A 39 3.91 -4.86 -18.08
C VAL A 39 4.92 -5.55 -17.16
N THR A 40 4.76 -5.35 -15.85
CA THR A 40 5.84 -5.65 -14.91
C THR A 40 5.35 -6.56 -13.79
N CYS A 41 6.05 -7.68 -13.55
CA CYS A 41 5.71 -8.64 -12.50
C CYS A 41 6.81 -8.73 -11.47
N VAL A 42 6.50 -8.35 -10.23
CA VAL A 42 7.48 -8.28 -9.17
C VAL A 42 7.13 -9.32 -8.11
N VAL A 43 8.11 -10.14 -7.76
CA VAL A 43 7.98 -11.15 -6.72
C VAL A 43 8.92 -10.79 -5.58
N VAL A 44 8.38 -10.50 -4.42
CA VAL A 44 9.18 -10.23 -3.25
C VAL A 44 9.02 -11.38 -2.25
N ASP A 45 9.83 -11.36 -1.19
CA ASP A 45 9.79 -12.36 -0.14
C ASP A 45 10.17 -13.75 -0.68
N VAL A 46 10.97 -13.77 -1.73
CA VAL A 46 11.55 -15.02 -2.17
C VAL A 46 12.71 -15.35 -1.23
N SER A 47 12.67 -16.53 -0.64
CA SER A 47 13.59 -16.84 0.42
C SER A 47 14.83 -17.47 -0.15
N HIS A 48 15.82 -17.70 0.73
CA HIS A 48 17.09 -18.26 0.33
C HIS A 48 17.02 -19.77 0.21
N GLU A 49 16.05 -20.40 0.87
CA GLU A 49 15.92 -21.84 0.72
C GLU A 49 15.37 -22.23 -0.63
N ASP A 50 14.69 -21.31 -1.31
CA ASP A 50 14.19 -21.56 -2.67
C ASP A 50 14.46 -20.32 -3.52
N PRO A 51 15.71 -20.12 -3.93
CA PRO A 51 16.01 -18.94 -4.73
C PRO A 51 15.29 -18.95 -6.06
N GLU A 52 14.84 -20.13 -6.50
CA GLU A 52 14.34 -20.29 -7.85
C GLU A 52 12.89 -19.81 -7.96
N VAL A 53 12.62 -19.00 -8.99
CA VAL A 53 11.29 -18.47 -9.26
C VAL A 53 11.07 -18.63 -10.76
N LYS A 54 9.89 -19.12 -11.15
CA LYS A 54 9.57 -19.23 -12.55
C LYS A 54 8.28 -18.48 -12.89
N PHE A 55 8.23 -17.99 -14.13
CA PHE A 55 7.24 -17.02 -14.56
C PHE A 55 6.49 -17.58 -15.76
N ASN A 56 5.18 -17.48 -15.73
CA ASN A 56 4.38 -17.73 -16.92
C ASN A 56 3.48 -16.54 -17.19
N TRP A 57 3.42 -16.16 -18.45
CA TRP A 57 2.68 -15.00 -18.90
C TRP A 57 1.56 -15.45 -19.82
N TYR A 58 0.43 -14.74 -19.75
CA TYR A 58 -0.73 -15.02 -20.59
C TYR A 58 -1.27 -13.70 -21.09
N VAL A 59 -1.32 -13.53 -22.41
CA VAL A 59 -2.07 -12.43 -23.01
C VAL A 59 -3.45 -12.96 -23.39
N ASP A 60 -4.45 -12.71 -22.52
CA ASP A 60 -5.80 -13.25 -22.71
C ASP A 60 -5.81 -14.79 -22.79
N GLY A 61 -5.08 -15.43 -21.88
CA GLY A 61 -5.07 -16.86 -21.80
C GLY A 61 -4.26 -17.59 -22.85
N VAL A 62 -3.59 -16.89 -23.77
CA VAL A 62 -2.60 -17.53 -24.64
C VAL A 62 -1.23 -17.30 -24.02
N GLU A 63 -0.55 -18.37 -23.66
CA GLU A 63 0.74 -18.22 -23.02
C GLU A 63 1.70 -17.61 -24.02
N VAL A 64 2.44 -16.60 -23.57
CA VAL A 64 3.47 -15.97 -24.37
C VAL A 64 4.82 -16.37 -23.80
N HIS A 65 5.88 -16.02 -24.52
CA HIS A 65 7.22 -16.36 -24.06
C HIS A 65 8.22 -15.25 -24.40
N ASN A 66 7.74 -14.06 -24.75
CA ASN A 66 8.57 -12.91 -25.12
C ASN A 66 9.19 -12.21 -23.90
N ALA A 67 8.88 -12.64 -22.68
CA ALA A 67 9.15 -11.85 -21.48
C ALA A 67 10.62 -11.86 -21.05
N LYS A 68 11.02 -10.77 -20.38
CA LYS A 68 12.41 -10.53 -19.95
C LYS A 68 12.45 -10.66 -18.43
N THR A 69 13.13 -11.66 -17.92
CA THR A 69 13.29 -11.80 -16.48
C THR A 69 14.66 -11.26 -16.10
N LYS A 70 14.70 -10.26 -15.20
CA LYS A 70 16.03 -9.92 -14.73
C LYS A 70 16.52 -10.98 -13.76
N PRO A 71 17.84 -11.14 -13.63
CA PRO A 71 18.36 -12.04 -12.59
C PRO A 71 18.03 -11.48 -11.23
N ARG A 72 17.73 -12.38 -10.29
CA ARG A 72 17.25 -11.99 -8.97
C ARG A 72 18.32 -11.21 -8.22
N GLU A 73 17.85 -10.27 -7.40
CA GLU A 73 18.66 -9.20 -6.82
C GLU A 73 18.32 -9.13 -5.34
N GLU A 74 19.26 -9.52 -4.49
CA GLU A 74 18.99 -9.55 -3.07
C GLU A 74 18.67 -8.15 -2.55
N GLN A 75 17.85 -8.11 -1.49
CA GLN A 75 17.33 -6.89 -0.90
C GLN A 75 17.89 -6.69 0.51
N TYR A 76 17.63 -5.49 1.06
CA TYR A 76 18.17 -5.17 2.39
C TYR A 76 17.79 -6.21 3.42
N ASN A 77 16.56 -6.74 3.36
CA ASN A 77 16.09 -7.65 4.41
C ASN A 77 16.49 -9.12 4.20
N SER A 78 17.34 -9.42 3.21
CA SER A 78 17.88 -10.76 2.89
C SER A 78 16.85 -11.71 2.25
N THR A 79 15.74 -11.22 1.71
CA THR A 79 14.90 -11.97 0.78
C THR A 79 15.22 -11.47 -0.63
N TYR A 80 14.83 -12.27 -1.61
CA TYR A 80 15.10 -11.83 -2.97
C TYR A 80 13.90 -11.07 -3.56
N ARG A 81 14.16 -10.39 -4.67
CA ARG A 81 13.12 -9.74 -5.44
C ARG A 81 13.45 -9.99 -6.91
N VAL A 82 12.53 -10.63 -7.61
CA VAL A 82 12.71 -10.95 -9.03
C VAL A 82 11.64 -10.21 -9.79
N VAL A 83 12.01 -9.67 -10.93
CA VAL A 83 11.09 -8.88 -11.72
C VAL A 83 11.16 -9.39 -13.16
N SER A 84 9.99 -9.62 -13.75
CA SER A 84 9.88 -10.06 -15.12
C SER A 84 9.10 -8.99 -15.87
N VAL A 85 9.64 -8.53 -17.00
CA VAL A 85 9.01 -7.47 -17.79
C VAL A 85 8.65 -8.01 -19.17
N LEU A 86 7.36 -7.82 -19.54
CA LEU A 86 6.79 -8.21 -20.83
C LEU A 86 6.34 -6.97 -21.58
N THR A 87 6.68 -6.88 -22.87
CA THR A 87 6.35 -5.71 -23.68
C THR A 87 5.10 -5.96 -24.51
N VAL A 88 4.28 -4.92 -24.62
CA VAL A 88 2.92 -4.97 -25.14
C VAL A 88 2.90 -4.44 -26.55
N LEU A 89 2.14 -5.10 -27.45
CA LEU A 89 1.98 -4.56 -28.79
C LEU A 89 1.05 -3.38 -28.70
N HIS A 90 1.62 -2.17 -28.44
CA HIS A 90 0.99 -1.04 -27.74
C HIS A 90 -0.53 -0.97 -27.89
N GLN A 91 -1.04 -1.16 -29.11
CA GLN A 91 -2.48 -1.12 -29.32
C GLN A 91 -3.17 -2.18 -28.48
N ASP A 92 -2.44 -3.25 -28.12
CA ASP A 92 -3.02 -4.33 -27.32
C ASP A 92 -3.50 -3.82 -25.98
N TRP A 93 -2.66 -3.10 -25.24
CA TRP A 93 -3.14 -2.54 -23.99
C TRP A 93 -4.33 -1.62 -24.25
N LEU A 94 -4.29 -0.88 -25.37
CA LEU A 94 -5.40 0.00 -25.72
C LEU A 94 -6.62 -0.78 -26.19
N ASN A 95 -6.44 -2.00 -26.69
CA ASN A 95 -7.53 -2.87 -27.11
C ASN A 95 -8.03 -3.75 -25.99
N GLY A 96 -7.64 -3.49 -24.75
CA GLY A 96 -8.17 -4.20 -23.60
C GLY A 96 -7.65 -5.60 -23.38
N LYS A 97 -6.55 -6.01 -24.03
CA LYS A 97 -5.95 -7.31 -23.83
C LYS A 97 -5.52 -7.42 -22.36
N GLU A 98 -5.66 -8.62 -21.79
CA GLU A 98 -5.78 -8.60 -20.38
C GLU A 98 -4.65 -9.50 -19.86
N TYR A 99 -3.93 -9.14 -18.84
CA TYR A 99 -2.63 -9.80 -18.65
C TYR A 99 -2.51 -10.60 -17.36
N LYS A 100 -1.87 -11.79 -17.49
CA LYS A 100 -1.81 -12.74 -16.36
C LYS A 100 -0.37 -13.16 -16.10
N CYS A 101 0.07 -13.00 -14.85
CA CYS A 101 1.39 -13.41 -14.41
C CYS A 101 1.22 -14.63 -13.52
N LYS A 102 2.05 -15.63 -13.71
CA LYS A 102 1.97 -16.85 -12.91
C LYS A 102 3.35 -17.09 -12.33
N VAL A 103 3.41 -17.25 -11.03
CA VAL A 103 4.67 -17.29 -10.30
C VAL A 103 4.73 -18.62 -9.58
N SER A 104 5.75 -19.41 -9.89
CA SER A 104 5.93 -20.69 -9.24
C SER A 104 7.27 -20.67 -8.52
N ASN A 105 7.33 -21.40 -7.41
CA ASN A 105 8.36 -21.24 -6.40
C ASN A 105 8.21 -22.42 -5.47
N LYS A 106 9.31 -23.07 -5.08
CA LYS A 106 9.06 -24.41 -4.56
C LYS A 106 8.55 -24.32 -3.10
N ALA A 107 8.53 -23.12 -2.51
CA ALA A 107 8.01 -22.91 -1.18
C ALA A 107 6.52 -22.66 -1.20
N LEU A 108 5.89 -22.63 -2.38
CA LEU A 108 4.46 -22.48 -2.53
C LEU A 108 3.85 -23.71 -3.19
N PRO A 109 2.81 -24.32 -2.61
CA PRO A 109 2.29 -25.59 -3.16
C PRO A 109 1.81 -25.44 -4.59
N ALA A 110 1.06 -24.40 -4.88
CA ALA A 110 0.49 -24.10 -6.18
C ALA A 110 0.92 -22.69 -6.54
N PRO A 111 0.94 -22.35 -7.83
CA PRO A 111 1.46 -21.04 -8.24
C PRO A 111 0.61 -19.89 -7.73
N ILE A 112 1.19 -18.70 -7.72
CA ILE A 112 0.44 -17.46 -7.53
C ILE A 112 0.20 -16.88 -8.91
N GLU A 113 -1.05 -16.53 -9.21
CA GLU A 113 -1.42 -15.98 -10.51
C GLU A 113 -2.06 -14.62 -10.34
N LYS A 114 -1.52 -13.60 -11.01
CA LYS A 114 -2.03 -12.24 -10.99
C LYS A 114 -2.44 -11.81 -12.40
N THR A 115 -3.52 -11.02 -12.49
CA THR A 115 -4.08 -10.55 -13.75
C THR A 115 -4.33 -9.03 -13.72
N ILE A 116 -4.21 -8.38 -14.88
CA ILE A 116 -4.35 -6.94 -14.98
C ILE A 116 -4.82 -6.57 -16.39
N SER A 117 -5.66 -5.52 -16.47
CA SER A 117 -6.02 -4.94 -17.77
C SER A 117 -6.56 -3.53 -17.61
N LYS A 118 -6.61 -2.85 -18.76
CA LYS A 118 -7.29 -1.57 -18.84
C LYS A 118 -8.74 -1.71 -18.44
N ALA A 119 -9.21 -0.75 -17.66
CA ALA A 119 -10.62 -0.63 -17.30
C ALA A 119 -11.50 -0.63 -18.53
N LYS A 120 -12.59 -1.39 -18.45
CA LYS A 120 -13.58 -1.47 -19.52
C LYS A 120 -14.74 -0.51 -19.25
N GLY A 121 -15.40 -0.08 -20.32
CA GLY A 121 -16.54 0.79 -20.29
C GLY A 121 -16.37 1.95 -21.23
N GLN A 122 -17.46 2.71 -21.39
CA GLN A 122 -17.43 3.69 -22.49
C GLN A 122 -16.39 4.73 -22.15
N PRO A 123 -15.35 4.90 -22.97
CA PRO A 123 -14.41 6.00 -22.76
C PRO A 123 -15.08 7.36 -22.87
N ARG A 124 -14.77 8.23 -21.91
CA ARG A 124 -15.30 9.58 -21.89
C ARG A 124 -14.15 10.57 -22.00
N GLU A 125 -14.40 11.63 -22.77
CA GLU A 125 -13.40 12.62 -23.12
C GLU A 125 -13.08 13.53 -21.91
N PRO A 126 -11.81 13.88 -21.70
CA PRO A 126 -11.52 14.88 -20.68
C PRO A 126 -11.98 16.27 -21.11
N GLN A 127 -12.16 17.13 -20.13
CA GLN A 127 -12.55 18.50 -20.31
C GLN A 127 -11.47 19.28 -19.62
N VAL A 128 -10.79 20.16 -20.34
CA VAL A 128 -9.60 20.77 -19.78
C VAL A 128 -9.90 22.24 -19.59
N TYR A 129 -9.83 22.67 -18.34
CA TYR A 129 -10.02 24.07 -17.97
C TYR A 129 -8.74 24.56 -17.29
N THR A 130 -8.29 25.74 -17.70
CA THR A 130 -7.16 26.40 -17.07
C THR A 130 -7.65 27.50 -16.14
N LEU A 131 -7.02 27.63 -14.98
CA LEU A 131 -7.48 28.63 -14.01
C LEU A 131 -6.34 29.54 -13.58
N PRO A 132 -6.52 30.86 -13.67
CA PRO A 132 -5.51 31.80 -13.19
C PRO A 132 -5.31 31.65 -11.70
N PRO A 133 -4.18 32.09 -11.15
CA PRO A 133 -4.03 32.06 -9.68
C PRO A 133 -4.96 33.04 -8.98
N SER A 134 -5.35 32.68 -7.76
CA SER A 134 -6.09 33.61 -6.94
C SER A 134 -5.17 34.77 -6.60
N ARG A 135 -5.71 35.98 -6.53
CA ARG A 135 -4.81 37.12 -6.36
C ARG A 135 -4.19 37.17 -4.97
N GLU A 136 -4.86 36.62 -3.95
CA GLU A 136 -4.24 36.58 -2.64
C GLU A 136 -2.89 35.86 -2.68
N GLU A 137 -2.59 35.22 -3.81
CA GLU A 137 -1.39 34.44 -3.94
C GLU A 137 -0.17 35.25 -4.39
N MET A 138 -0.34 36.43 -4.98
CA MET A 138 0.84 37.10 -5.50
C MET A 138 1.65 37.85 -4.45
N THR A 139 1.25 37.82 -3.17
CA THR A 139 2.16 38.31 -2.13
C THR A 139 3.48 37.52 -2.13
N LYS A 140 3.41 36.23 -2.57
CA LYS A 140 4.50 35.42 -3.14
C LYS A 140 5.04 35.69 -4.49
N ASN A 141 6.37 35.49 -4.50
CA ASN A 141 7.29 35.57 -5.63
C ASN A 141 7.02 34.44 -6.59
N GLN A 142 6.35 33.39 -6.10
CA GLN A 142 5.95 32.27 -6.94
C GLN A 142 4.44 32.10 -6.82
N VAL A 143 3.77 32.03 -7.97
CA VAL A 143 2.33 31.84 -8.03
C VAL A 143 2.08 30.50 -8.70
N SER A 144 0.92 29.92 -8.41
CA SER A 144 0.56 28.62 -8.95
C SER A 144 -0.45 28.78 -10.08
N LEU A 145 -0.20 28.07 -11.18
CA LEU A 145 -1.11 28.01 -12.32
C LEU A 145 -1.78 26.65 -12.34
N THR A 146 -3.08 26.63 -12.52
CA THR A 146 -3.85 25.42 -12.27
C THR A 146 -4.52 24.91 -13.54
N CYS A 147 -4.51 23.58 -13.69
CA CYS A 147 -5.16 22.89 -14.78
C CYS A 147 -6.13 21.87 -14.18
N LEU A 148 -7.40 22.00 -14.52
CA LEU A 148 -8.41 21.04 -14.09
C LEU A 148 -8.72 20.12 -15.27
N VAL A 149 -8.45 18.84 -15.11
CA VAL A 149 -8.86 17.85 -16.10
C VAL A 149 -9.92 16.99 -15.45
N LYS A 150 -11.14 17.06 -15.98
CA LYS A 150 -12.29 16.40 -15.37
C LYS A 150 -13.15 15.74 -16.42
N GLY A 151 -13.97 14.80 -15.96
CA GLY A 151 -14.90 14.12 -16.84
C GLY A 151 -14.28 13.04 -17.70
N PHE A 152 -13.15 12.45 -17.32
CA PHE A 152 -12.52 11.53 -18.23
C PHE A 152 -12.63 10.09 -17.74
N TYR A 153 -12.55 9.17 -18.70
CA TYR A 153 -12.66 7.75 -18.40
C TYR A 153 -12.10 6.97 -19.58
N PRO A 154 -11.30 5.92 -19.36
CA PRO A 154 -10.79 5.37 -18.10
C PRO A 154 -9.70 6.26 -17.50
N SER A 155 -9.11 5.88 -16.38
CA SER A 155 -8.24 6.80 -15.66
C SER A 155 -6.86 7.01 -16.30
N ASP A 156 -6.38 6.13 -17.20
CA ASP A 156 -5.05 6.31 -17.82
C ASP A 156 -4.96 7.67 -18.52
N ILE A 157 -4.03 8.53 -18.10
CA ILE A 157 -3.95 9.88 -18.66
C ILE A 157 -2.56 10.44 -18.38
N ALA A 158 -2.20 11.51 -19.11
CA ALA A 158 -0.92 12.17 -18.94
C ALA A 158 -1.07 13.66 -19.20
N VAL A 159 -0.49 14.47 -18.32
CA VAL A 159 -0.59 15.94 -18.34
C VAL A 159 0.81 16.55 -18.23
N GLU A 160 1.09 17.56 -19.05
CA GLU A 160 2.35 18.27 -19.00
C GLU A 160 2.10 19.76 -19.14
N TRP A 161 3.09 20.53 -18.73
CA TRP A 161 3.06 21.97 -18.83
C TRP A 161 4.17 22.40 -19.78
N ARG A 162 3.83 23.37 -20.65
CA ARG A 162 4.60 23.80 -21.80
C ARG A 162 4.62 25.33 -21.81
N SER A 163 5.76 25.93 -22.14
CA SER A 163 5.82 27.35 -22.38
C SER A 163 6.87 27.65 -23.43
N ASN A 164 6.49 28.37 -24.48
CA ASN A 164 7.41 28.64 -25.57
C ASN A 164 7.83 27.36 -26.30
N GLY A 165 7.16 26.26 -26.06
CA GLY A 165 7.58 24.99 -26.64
C GLY A 165 8.44 24.15 -25.71
N GLN A 166 9.47 24.74 -25.10
CA GLN A 166 10.18 24.00 -24.06
C GLN A 166 9.23 23.63 -22.94
N PRO A 167 9.43 22.47 -22.32
CA PRO A 167 8.53 22.06 -21.22
C PRO A 167 8.69 22.97 -20.02
N GLU A 168 7.92 22.68 -19.00
CA GLU A 168 8.07 23.30 -17.70
C GLU A 168 8.39 22.18 -16.75
N ASN A 169 9.44 22.34 -15.95
CA ASN A 169 9.82 21.23 -15.08
C ASN A 169 9.03 21.26 -13.78
N ASN A 170 8.71 22.47 -13.31
CA ASN A 170 8.27 22.70 -11.95
C ASN A 170 6.73 22.71 -11.89
N TYR A 171 6.19 21.52 -12.10
CA TYR A 171 4.77 21.26 -12.00
C TYR A 171 4.56 19.96 -11.24
N LYS A 172 3.40 19.84 -10.59
CA LYS A 172 2.96 18.60 -9.96
C LYS A 172 1.50 18.31 -10.32
N THR A 173 1.14 17.02 -10.31
CA THR A 173 -0.21 16.62 -10.64
C THR A 173 -0.76 15.61 -9.65
N THR A 174 -2.00 15.82 -9.23
CA THR A 174 -2.63 14.87 -8.32
C THR A 174 -2.92 13.56 -9.04
N PRO A 175 -3.06 12.47 -8.30
CA PRO A 175 -3.61 11.26 -8.90
C PRO A 175 -5.02 11.46 -9.35
N PRO A 176 -5.48 10.71 -10.35
CA PRO A 176 -6.89 10.75 -10.75
C PRO A 176 -7.74 10.38 -9.57
N VAL A 177 -8.83 11.11 -9.39
CA VAL A 177 -9.80 10.84 -8.33
C VAL A 177 -11.13 10.42 -8.96
N LEU A 178 -11.81 9.50 -8.29
CA LEU A 178 -13.09 8.96 -8.78
C LEU A 178 -14.20 9.92 -8.42
N ASP A 179 -14.86 10.45 -9.44
CA ASP A 179 -16.02 11.33 -9.32
C ASP A 179 -17.32 10.52 -9.22
N SER A 180 -18.40 11.18 -8.79
CA SER A 180 -19.62 10.45 -8.47
C SER A 180 -20.25 9.82 -9.72
N ASP A 181 -20.16 10.51 -10.88
CA ASP A 181 -20.71 9.96 -12.11
C ASP A 181 -19.90 8.76 -12.66
N GLY A 182 -18.89 8.26 -11.94
CA GLY A 182 -18.05 7.20 -12.45
C GLY A 182 -16.89 7.67 -13.30
N SER A 183 -16.73 8.98 -13.49
CA SER A 183 -15.63 9.51 -14.29
C SER A 183 -14.54 10.09 -13.37
N PHE A 184 -13.39 10.41 -13.95
CA PHE A 184 -12.24 10.83 -13.16
C PHE A 184 -12.00 12.32 -13.35
N PHE A 185 -11.32 12.90 -12.37
CA PHE A 185 -10.74 14.22 -12.53
C PHE A 185 -9.41 14.21 -11.81
N LEU A 186 -8.55 15.16 -12.19
CA LEU A 186 -7.34 15.48 -11.43
C LEU A 186 -7.06 16.96 -11.62
N TYR A 187 -6.07 17.45 -10.86
CA TYR A 187 -5.57 18.80 -11.01
C TYR A 187 -4.08 18.73 -11.31
N SER A 188 -3.58 19.73 -12.03
CA SER A 188 -2.15 19.89 -12.28
C SER A 188 -1.78 21.32 -11.91
N LYS A 189 -0.77 21.49 -11.04
CA LYS A 189 -0.34 22.79 -10.53
C LYS A 189 1.04 23.16 -11.08
N LEU A 190 1.13 24.31 -11.76
CA LEU A 190 2.38 24.83 -12.27
C LEU A 190 2.81 26.05 -11.46
N THR A 191 4.05 26.05 -10.97
CA THR A 191 4.58 27.17 -10.20
C THR A 191 5.52 28.02 -11.07
N VAL A 192 5.21 29.28 -11.23
CA VAL A 192 6.09 30.16 -11.98
C VAL A 192 6.46 31.37 -11.12
N ASP A 193 7.55 32.02 -11.49
CA ASP A 193 7.98 33.23 -10.81
C ASP A 193 7.03 34.35 -11.20
N LYS A 194 6.46 35.02 -10.20
CA LYS A 194 5.43 36.04 -10.46
C LYS A 194 5.86 37.01 -11.56
N SER A 195 7.15 37.33 -11.66
CA SER A 195 7.62 38.14 -12.78
C SER A 195 7.21 37.50 -14.11
N ARG A 196 7.36 36.17 -14.22
CA ARG A 196 6.97 35.47 -15.43
C ARG A 196 5.47 35.59 -15.74
N TRP A 197 4.62 35.60 -14.70
CA TRP A 197 3.17 35.63 -14.88
C TRP A 197 2.69 36.99 -15.42
N GLN A 198 3.31 38.05 -14.93
CA GLN A 198 3.03 39.46 -15.11
C GLN A 198 3.44 39.99 -16.48
N GLN A 199 4.55 39.49 -17.03
CA GLN A 199 5.01 39.82 -18.38
C GLN A 199 4.10 39.25 -19.52
N GLY A 200 2.91 38.68 -19.31
CA GLY A 200 2.15 38.16 -20.44
C GLY A 200 2.69 36.87 -21.04
N ASN A 201 3.55 36.14 -20.31
CA ASN A 201 4.00 34.84 -20.79
C ASN A 201 2.83 33.88 -20.98
N VAL A 202 2.82 33.18 -22.10
CA VAL A 202 1.77 32.20 -22.40
C VAL A 202 2.19 30.82 -21.87
N PHE A 203 1.34 30.24 -21.04
CA PHE A 203 1.61 28.93 -20.46
C PHE A 203 0.59 27.91 -20.98
N SER A 204 1.03 26.67 -21.13
CA SER A 204 0.22 25.70 -21.83
C SER A 204 0.05 24.40 -21.08
N CYS A 205 -1.20 24.01 -20.92
CA CYS A 205 -1.55 22.75 -20.30
C CYS A 205 -1.86 21.74 -21.41
N SER A 206 -1.12 20.66 -21.45
CA SER A 206 -1.26 19.69 -22.52
C SER A 206 -1.60 18.36 -21.89
N VAL A 207 -2.67 17.74 -22.36
CA VAL A 207 -3.17 16.49 -21.80
C VAL A 207 -3.33 15.49 -22.93
N MET A 208 -2.98 14.24 -22.64
CA MET A 208 -3.17 13.12 -23.54
C MET A 208 -4.06 12.09 -22.87
N HIS A 209 -4.98 11.53 -23.64
CA HIS A 209 -5.97 10.59 -23.13
C HIS A 209 -6.65 9.98 -24.33
N GLU A 210 -7.01 8.69 -24.21
CA GLU A 210 -7.42 7.94 -25.40
C GLU A 210 -8.71 8.46 -26.05
N ALA A 211 -9.60 9.13 -25.30
CA ALA A 211 -10.80 9.65 -25.95
C ALA A 211 -10.58 10.97 -26.66
N LEU A 212 -9.39 11.56 -26.58
CA LEU A 212 -9.15 12.84 -27.26
C LEU A 212 -8.81 12.63 -28.71
N HIS A 213 -9.20 13.59 -29.54
CA HIS A 213 -8.84 13.59 -30.95
C HIS A 213 -7.33 13.65 -31.09
N ASN A 214 -6.77 12.75 -31.90
CA ASN A 214 -5.33 12.56 -32.01
C ASN A 214 -4.70 12.21 -30.67
N HIS A 215 -5.51 11.75 -29.71
CA HIS A 215 -5.07 11.40 -28.36
C HIS A 215 -4.45 12.60 -27.67
N TYR A 216 -4.88 13.81 -28.03
CA TYR A 216 -4.14 14.97 -27.62
C TYR A 216 -5.00 16.21 -27.66
N THR A 217 -4.71 17.12 -26.72
CA THR A 217 -5.27 18.48 -26.72
C THR A 217 -4.41 19.32 -25.78
N GLN A 218 -4.36 20.62 -26.08
CA GLN A 218 -3.66 21.62 -25.28
C GLN A 218 -4.60 22.74 -24.90
N LYS A 219 -4.32 23.39 -23.78
CA LYS A 219 -5.18 24.48 -23.35
C LYS A 219 -4.30 25.58 -22.75
N SER A 220 -4.26 26.78 -23.34
CA SER A 220 -3.26 27.76 -22.87
C SER A 220 -3.85 28.92 -22.09
N LEU A 221 -2.98 29.69 -21.44
CA LEU A 221 -3.41 30.63 -20.39
C LEU A 221 -2.31 31.64 -20.08
N SER A 222 -2.71 32.91 -19.98
CA SER A 222 -1.78 34.00 -19.72
C SER A 222 -2.56 35.15 -19.10
N LEU A 223 -1.82 36.01 -18.41
CA LEU A 223 -2.42 37.16 -17.73
C LEU A 223 -3.23 38.03 -18.70
N GLY B 17 4.14 -16.65 10.35
CA GLY B 17 4.08 -16.06 11.68
C GLY B 17 3.18 -14.82 11.80
N PRO B 18 2.59 -14.60 12.97
CA PRO B 18 1.71 -13.42 13.13
C PRO B 18 2.47 -12.12 12.92
N SER B 19 1.77 -11.14 12.37
CA SER B 19 2.33 -9.84 12.04
C SER B 19 1.54 -8.71 12.70
N VAL B 20 2.19 -7.57 12.93
CA VAL B 20 1.60 -6.46 13.66
C VAL B 20 1.64 -5.18 12.82
N PHE B 21 0.57 -4.40 12.90
CA PHE B 21 0.47 -3.10 12.25
C PHE B 21 -0.10 -2.08 13.24
N LEU B 22 0.51 -0.90 13.29
CA LEU B 22 0.13 0.17 14.21
C LEU B 22 -0.33 1.39 13.43
N PHE B 23 -1.55 1.86 13.71
CA PHE B 23 -2.17 2.93 12.92
C PHE B 23 -2.40 4.21 13.72
N PRO B 24 -2.20 5.38 13.09
CA PRO B 24 -2.38 6.69 13.77
C PRO B 24 -3.85 7.08 13.93
N PRO B 25 -4.12 8.13 14.70
CA PRO B 25 -5.48 8.69 14.73
C PRO B 25 -5.84 9.33 13.41
N LYS B 26 -7.13 9.66 13.27
CA LYS B 26 -7.56 10.36 12.07
C LYS B 26 -7.29 11.85 12.27
N PRO B 27 -6.93 12.57 11.20
CA PRO B 27 -6.57 13.98 11.38
C PRO B 27 -7.61 14.78 12.15
N LYS B 28 -8.89 14.62 11.80
CA LYS B 28 -9.96 15.34 12.48
C LYS B 28 -9.97 15.11 14.00
N ASP B 29 -9.69 13.86 14.44
CA ASP B 29 -9.80 13.53 15.87
C ASP B 29 -8.82 14.33 16.70
N THR B 30 -7.62 14.55 16.18
CA THR B 30 -6.60 15.31 16.90
C THR B 30 -6.78 16.81 16.77
N LEU B 31 -7.52 17.25 15.76
CA LEU B 31 -7.72 18.67 15.56
C LEU B 31 -8.91 19.21 16.36
N MET B 32 -9.95 18.41 16.58
CA MET B 32 -11.11 18.83 17.36
C MET B 32 -11.01 18.32 18.79
N ILE B 33 -11.32 19.22 19.74
CA ILE B 33 -11.39 18.87 21.16
C ILE B 33 -12.65 18.06 21.42
N SER B 34 -13.58 18.14 20.49
CA SER B 34 -14.86 17.48 20.49
C SER B 34 -14.75 16.05 19.96
N ARG B 35 -13.57 15.45 19.88
CA ARG B 35 -13.44 14.15 19.25
C ARG B 35 -12.28 13.39 19.89
N THR B 36 -12.37 12.06 19.83
CA THR B 36 -11.44 11.24 20.59
C THR B 36 -10.41 10.66 19.64
N PRO B 37 -9.14 11.06 19.74
CA PRO B 37 -8.13 10.43 18.90
C PRO B 37 -7.75 9.08 19.50
N GLU B 38 -7.65 8.10 18.62
CA GLU B 38 -7.30 6.75 19.04
C GLU B 38 -6.12 6.24 18.24
N VAL B 39 -5.30 5.43 18.90
CA VAL B 39 -4.24 4.68 18.25
C VAL B 39 -4.60 3.20 18.31
N THR B 40 -4.39 2.51 17.19
CA THR B 40 -4.96 1.19 16.92
C THR B 40 -3.85 0.19 16.62
N CYS B 41 -3.84 -0.92 17.33
CA CYS B 41 -2.87 -2.00 17.14
C CYS B 41 -3.59 -3.24 16.60
N VAL B 42 -3.22 -3.68 15.39
CA VAL B 42 -3.89 -4.78 14.70
C VAL B 42 -2.93 -5.95 14.59
N VAL B 43 -3.37 -7.13 15.03
CA VAL B 43 -2.58 -8.35 14.91
C VAL B 43 -3.32 -9.30 13.98
N VAL B 44 -2.72 -9.59 12.84
CA VAL B 44 -3.29 -10.52 11.89
C VAL B 44 -2.41 -11.76 11.88
N ASP B 45 -2.88 -12.80 11.17
CA ASP B 45 -2.15 -14.05 11.03
C ASP B 45 -1.94 -14.75 12.37
N VAL B 46 -2.84 -14.53 13.34
CA VAL B 46 -2.83 -15.32 14.56
C VAL B 46 -3.38 -16.69 14.24
N SER B 47 -2.70 -17.73 14.69
CA SER B 47 -3.04 -19.08 14.33
C SER B 47 -4.04 -19.68 15.33
N HIS B 48 -4.51 -20.88 15.00
CA HIS B 48 -5.53 -21.56 15.77
C HIS B 48 -5.01 -22.41 16.92
N GLU B 49 -3.77 -22.90 16.85
CA GLU B 49 -3.30 -23.72 17.95
C GLU B 49 -3.07 -22.90 19.20
N ASP B 50 -2.76 -21.61 19.05
CA ASP B 50 -2.51 -20.70 20.17
C ASP B 50 -3.21 -19.38 19.89
N PRO B 51 -4.50 -19.29 20.24
CA PRO B 51 -5.26 -18.06 19.98
C PRO B 51 -4.82 -16.81 20.74
N GLU B 52 -4.16 -16.94 21.91
CA GLU B 52 -3.97 -15.83 22.84
C GLU B 52 -2.78 -14.93 22.50
N VAL B 53 -2.98 -13.61 22.58
CA VAL B 53 -1.94 -12.61 22.29
C VAL B 53 -1.95 -11.52 23.37
N LYS B 54 -0.73 -11.05 23.77
CA LYS B 54 -0.56 -9.84 24.60
C LYS B 54 -1.23 -8.61 24.05
N PHE B 55 -1.58 -7.66 24.88
CA PHE B 55 -1.32 -6.28 24.48
C PHE B 55 -0.70 -5.57 25.67
N ASN B 56 0.47 -4.94 25.46
CA ASN B 56 1.08 -4.00 26.41
C ASN B 56 1.38 -2.71 25.66
N TRP B 57 1.04 -1.58 26.26
CA TRP B 57 1.14 -0.29 25.59
C TRP B 57 2.09 0.62 26.33
N TYR B 58 2.79 1.46 25.58
CA TYR B 58 3.69 2.46 26.15
C TYR B 58 3.56 3.76 25.39
N VAL B 59 3.19 4.80 26.13
CA VAL B 59 3.34 6.17 25.66
C VAL B 59 4.67 6.67 26.21
N ASP B 60 5.68 6.84 25.34
CA ASP B 60 7.06 7.22 25.72
C ASP B 60 7.71 6.21 26.67
N GLY B 61 7.52 4.92 26.40
CA GLY B 61 8.21 3.93 27.19
C GLY B 61 7.73 3.79 28.61
N VAL B 62 6.74 4.57 29.05
CA VAL B 62 6.05 4.36 30.32
C VAL B 62 4.77 3.59 30.03
N GLU B 63 4.61 2.46 30.71
CA GLU B 63 3.48 1.58 30.48
C GLU B 63 2.15 2.22 30.91
N VAL B 64 1.18 2.16 30.00
CA VAL B 64 -0.17 2.64 30.25
C VAL B 64 -1.07 1.42 30.36
N HIS B 65 -2.34 1.64 30.74
CA HIS B 65 -3.27 0.53 30.81
C HIS B 65 -4.68 0.92 30.40
N ASN B 66 -4.85 2.06 29.73
CA ASN B 66 -6.18 2.51 29.29
C ASN B 66 -6.70 1.75 28.04
N ALA B 67 -5.93 0.79 27.49
CA ALA B 67 -6.26 0.20 26.21
C ALA B 67 -7.41 -0.80 26.32
N LYS B 68 -8.15 -0.93 25.22
CA LYS B 68 -9.43 -1.62 25.08
C LYS B 68 -9.08 -2.77 24.14
N THR B 69 -9.06 -4.03 24.56
CA THR B 69 -8.86 -5.13 23.60
C THR B 69 -10.22 -5.74 23.26
N LYS B 70 -10.54 -5.83 21.96
CA LYS B 70 -11.71 -6.56 21.49
C LYS B 70 -11.44 -8.07 21.39
N PRO B 71 -12.47 -8.90 21.45
CA PRO B 71 -12.26 -10.35 21.26
C PRO B 71 -11.78 -10.69 19.85
N ARG B 72 -10.95 -11.74 19.77
CA ARG B 72 -10.35 -12.13 18.51
C ARG B 72 -11.45 -12.56 17.52
N GLU B 73 -11.21 -12.27 16.24
CA GLU B 73 -12.26 -12.22 15.23
C GLU B 73 -11.78 -13.05 14.02
N GLU B 74 -12.33 -14.26 13.87
CA GLU B 74 -11.86 -15.22 12.87
C GLU B 74 -11.99 -14.67 11.45
N GLN B 75 -11.07 -15.04 10.56
CA GLN B 75 -11.05 -14.48 9.21
C GLN B 75 -11.28 -15.54 8.12
N TYR B 76 -11.48 -15.06 6.89
CA TYR B 76 -11.75 -15.98 5.79
C TYR B 76 -10.65 -17.01 5.68
N ASN B 77 -9.40 -16.59 5.93
CA ASN B 77 -8.30 -17.51 5.71
C ASN B 77 -8.11 -18.42 6.88
N SER B 78 -9.03 -18.42 7.82
CA SER B 78 -8.99 -19.24 9.03
C SER B 78 -7.88 -18.83 9.99
N THR B 79 -7.36 -17.61 9.89
CA THR B 79 -6.52 -17.03 10.93
C THR B 79 -7.33 -16.03 11.74
N TYR B 80 -6.81 -15.72 12.92
CA TYR B 80 -7.48 -14.75 13.76
C TYR B 80 -6.93 -13.36 13.49
N ARG B 81 -7.71 -12.37 13.90
CA ARG B 81 -7.32 -10.98 13.78
C ARG B 81 -7.76 -10.33 15.06
N VAL B 82 -6.79 -9.77 15.80
CA VAL B 82 -7.02 -9.14 17.10
C VAL B 82 -6.66 -7.67 17.02
N VAL B 83 -7.46 -6.84 17.67
CA VAL B 83 -7.32 -5.40 17.61
C VAL B 83 -7.32 -4.83 19.04
N SER B 84 -6.36 -3.96 19.34
CA SER B 84 -6.34 -3.24 20.61
C SER B 84 -6.33 -1.74 20.35
N VAL B 85 -7.25 -1.03 21.00
CA VAL B 85 -7.42 0.40 20.77
C VAL B 85 -7.04 1.15 22.03
N LEU B 86 -6.14 2.11 21.88
CA LEU B 86 -5.74 3.01 22.96
C LEU B 86 -6.17 4.43 22.60
N THR B 87 -6.88 5.05 23.51
CA THR B 87 -7.37 6.39 23.25
C THR B 87 -6.36 7.36 23.88
N VAL B 88 -6.01 8.40 23.14
CA VAL B 88 -4.91 9.28 23.52
C VAL B 88 -5.52 10.58 24.05
N LEU B 89 -4.96 11.06 25.17
CA LEU B 89 -5.51 12.27 25.78
C LEU B 89 -5.15 13.48 24.93
N HIS B 90 -6.03 13.77 23.97
CA HIS B 90 -5.71 14.35 22.66
C HIS B 90 -4.41 15.14 22.54
N GLN B 91 -4.12 16.04 23.49
CA GLN B 91 -2.92 16.85 23.35
C GLN B 91 -1.63 16.05 23.19
N ASP B 92 -1.58 14.78 23.61
CA ASP B 92 -0.32 14.00 23.54
C ASP B 92 0.14 13.78 22.11
N TRP B 93 -0.69 13.12 21.29
CA TRP B 93 -0.30 12.87 19.90
C TRP B 93 0.10 14.12 19.17
N LEU B 94 -0.64 15.16 19.43
CA LEU B 94 -0.48 16.48 18.80
C LEU B 94 0.86 17.09 19.20
N ASN B 95 1.45 16.66 20.36
CA ASN B 95 2.76 17.07 20.93
C ASN B 95 3.96 16.22 20.49
N GLY B 96 3.85 15.35 19.48
CA GLY B 96 4.98 14.53 19.15
C GLY B 96 5.22 13.39 20.11
N LYS B 97 4.26 13.09 20.98
CA LYS B 97 4.34 11.95 21.89
C LYS B 97 4.41 10.64 21.10
N GLU B 98 5.18 9.67 21.64
CA GLU B 98 5.50 8.45 20.93
C GLU B 98 4.83 7.24 21.58
N TYR B 99 4.19 6.39 20.74
CA TYR B 99 3.33 5.31 21.19
C TYR B 99 3.85 3.96 20.69
N LYS B 100 3.86 2.98 21.58
CA LYS B 100 4.47 1.70 21.30
C LYS B 100 3.51 0.58 21.64
N CYS B 101 3.29 -0.32 20.68
CA CYS B 101 2.49 -1.53 20.85
C CYS B 101 3.40 -2.76 20.83
N LYS B 102 3.23 -3.64 21.80
CA LYS B 102 4.09 -4.81 21.91
C LYS B 102 3.25 -6.06 22.16
N VAL B 103 3.46 -7.06 21.29
CA VAL B 103 2.66 -8.28 21.20
C VAL B 103 3.56 -9.50 21.21
N SER B 104 3.30 -10.46 22.10
CA SER B 104 3.87 -11.80 21.98
C SER B 104 2.77 -12.85 22.11
N ASN B 105 3.09 -14.03 21.62
CA ASN B 105 2.13 -15.09 21.35
C ASN B 105 2.93 -16.38 21.28
N LYS B 106 2.36 -17.47 21.81
CA LYS B 106 3.12 -18.72 21.96
C LYS B 106 3.80 -19.12 20.66
N ALA B 107 3.27 -18.68 19.53
CA ALA B 107 3.85 -18.91 18.22
C ALA B 107 4.92 -17.88 17.87
N LEU B 108 5.24 -16.97 18.78
CA LEU B 108 6.28 -15.97 18.56
C LEU B 108 7.44 -16.21 19.50
N PRO B 109 8.67 -16.36 18.98
CA PRO B 109 9.81 -16.60 19.88
C PRO B 109 10.04 -15.45 20.84
N ALA B 110 10.07 -14.22 20.33
CA ALA B 110 10.19 -12.98 21.09
C ALA B 110 9.10 -12.02 20.65
N PRO B 111 8.67 -11.12 21.54
CA PRO B 111 7.56 -10.23 21.19
C PRO B 111 7.92 -9.29 20.03
N ILE B 112 6.88 -8.79 19.36
CA ILE B 112 7.01 -7.78 18.32
C ILE B 112 6.62 -6.42 18.91
N GLU B 113 7.46 -5.41 18.71
CA GLU B 113 7.20 -4.07 19.20
C GLU B 113 7.19 -3.12 18.01
N LYS B 114 6.11 -2.35 17.88
CA LYS B 114 5.97 -1.35 16.83
C LYS B 114 5.77 0.02 17.48
N THR B 115 6.28 1.07 16.81
CA THR B 115 6.27 2.42 17.36
C THR B 115 5.65 3.36 16.33
N ILE B 116 5.00 4.40 16.83
CA ILE B 116 4.32 5.38 16.00
C ILE B 116 4.36 6.72 16.71
N SER B 117 4.44 7.78 15.91
CA SER B 117 4.27 9.13 16.43
C SER B 117 3.89 10.04 15.29
N LYS B 118 3.45 11.24 15.64
CA LYS B 118 3.23 12.29 14.67
C LYS B 118 4.48 12.49 13.82
N ALA B 119 4.28 12.78 12.54
CA ALA B 119 5.41 13.13 11.68
C ALA B 119 6.31 14.14 12.39
N LYS B 120 7.62 13.86 12.38
CA LYS B 120 8.58 14.69 13.08
C LYS B 120 9.05 15.79 12.16
N GLY B 121 9.19 17.00 12.71
CA GLY B 121 9.63 18.13 11.94
C GLY B 121 8.69 19.31 12.08
N GLN B 122 9.11 20.41 11.47
CA GLN B 122 8.49 21.72 11.68
C GLN B 122 7.14 21.83 10.99
N PRO B 123 6.05 22.05 11.72
CA PRO B 123 4.78 22.37 11.05
C PRO B 123 4.89 23.66 10.25
N ARG B 124 4.36 23.60 9.04
CA ARG B 124 4.25 24.70 8.09
C ARG B 124 2.75 24.85 7.81
N GLU B 125 2.28 26.10 7.78
CA GLU B 125 0.87 26.48 7.68
C GLU B 125 0.34 26.28 6.25
N PRO B 126 -0.88 25.79 6.08
CA PRO B 126 -1.47 25.75 4.74
C PRO B 126 -1.87 27.14 4.25
N GLN B 127 -2.05 27.22 2.93
CA GLN B 127 -2.44 28.44 2.23
C GLN B 127 -3.67 28.13 1.39
N VAL B 128 -4.74 28.87 1.58
CA VAL B 128 -6.02 28.50 1.01
C VAL B 128 -6.43 29.52 -0.03
N TYR B 129 -6.56 29.07 -1.28
CA TYR B 129 -7.05 29.90 -2.37
C TYR B 129 -8.24 29.24 -3.04
N THR B 130 -9.30 30.02 -3.28
CA THR B 130 -10.45 29.55 -4.01
C THR B 130 -10.36 30.07 -5.43
N LEU B 131 -10.82 29.26 -6.38
CA LEU B 131 -10.77 29.62 -7.79
C LEU B 131 -12.16 29.50 -8.40
N PRO B 132 -12.64 30.54 -9.07
CA PRO B 132 -13.94 30.47 -9.74
C PRO B 132 -13.93 29.41 -10.83
N PRO B 133 -15.07 28.97 -11.32
CA PRO B 133 -15.04 28.10 -12.49
C PRO B 133 -14.44 28.88 -13.66
N SER B 134 -13.84 28.15 -14.59
CA SER B 134 -13.33 28.78 -15.79
C SER B 134 -14.47 29.29 -16.64
N ARG B 135 -14.20 30.33 -17.43
CA ARG B 135 -15.27 30.98 -18.18
C ARG B 135 -15.88 30.04 -19.17
N GLU B 136 -15.11 29.07 -19.67
CA GLU B 136 -15.71 28.06 -20.53
C GLU B 136 -16.76 27.24 -19.77
N GLU B 137 -16.41 26.75 -18.58
CA GLU B 137 -17.24 25.78 -17.85
C GLU B 137 -18.72 26.16 -17.68
N MET B 138 -19.10 27.39 -17.98
CA MET B 138 -20.48 27.80 -17.80
C MET B 138 -21.38 27.34 -18.94
N THR B 139 -20.83 26.84 -20.04
CA THR B 139 -21.69 26.16 -21.00
C THR B 139 -22.33 24.91 -20.39
N LYS B 140 -21.75 24.37 -19.33
CA LYS B 140 -22.29 23.26 -18.55
C LYS B 140 -23.35 23.70 -17.52
N ASN B 141 -24.25 22.75 -17.19
CA ASN B 141 -25.27 22.95 -16.18
C ASN B 141 -24.74 22.99 -14.75
N GLN B 142 -23.54 22.46 -14.49
CA GLN B 142 -22.91 22.53 -13.17
C GLN B 142 -21.51 23.06 -13.31
N VAL B 143 -21.12 23.98 -12.45
CA VAL B 143 -19.80 24.54 -12.53
C VAL B 143 -19.00 24.01 -11.35
N SER B 144 -17.67 24.00 -11.52
CA SER B 144 -16.74 23.48 -10.53
C SER B 144 -16.18 24.66 -9.77
N LEU B 145 -16.23 24.56 -8.47
CA LEU B 145 -15.71 25.56 -7.56
C LEU B 145 -14.46 24.95 -6.93
N THR B 146 -13.33 25.64 -6.99
CA THR B 146 -12.06 25.00 -6.65
C THR B 146 -11.41 25.73 -5.48
N CYS B 147 -10.83 24.95 -4.57
CA CYS B 147 -10.09 25.42 -3.41
C CYS B 147 -8.71 24.78 -3.47
N LEU B 148 -7.67 25.60 -3.53
CA LEU B 148 -6.29 25.12 -3.56
C LEU B 148 -5.68 25.27 -2.18
N VAL B 149 -5.29 24.15 -1.59
CA VAL B 149 -4.64 24.11 -0.29
C VAL B 149 -3.20 23.66 -0.52
N LYS B 150 -2.24 24.53 -0.24
CA LYS B 150 -0.85 24.27 -0.57
C LYS B 150 0.06 24.82 0.51
N GLY B 151 1.30 24.34 0.50
CA GLY B 151 2.33 24.80 1.40
C GLY B 151 2.24 24.26 2.81
N PHE B 152 1.58 23.14 3.03
CA PHE B 152 1.36 22.67 4.40
C PHE B 152 2.18 21.41 4.71
N TYR B 153 2.41 21.22 6.01
CA TYR B 153 3.15 20.11 6.60
C TYR B 153 2.78 20.08 8.07
N PRO B 154 2.54 18.89 8.64
CA PRO B 154 2.55 17.58 7.99
C PRO B 154 1.32 17.36 7.08
N SER B 155 1.25 16.18 6.46
CA SER B 155 0.26 15.97 5.42
C SER B 155 -1.15 15.89 5.99
N ASP B 156 -1.29 15.57 7.28
CA ASP B 156 -2.61 15.44 7.93
C ASP B 156 -3.41 16.72 7.80
N ILE B 157 -4.62 16.61 7.26
CA ILE B 157 -5.44 17.79 7.06
C ILE B 157 -6.90 17.36 6.92
N ALA B 158 -7.81 18.31 7.02
CA ALA B 158 -9.22 18.06 6.79
C ALA B 158 -9.76 19.29 6.10
N VAL B 159 -10.50 19.09 5.02
CA VAL B 159 -11.05 20.18 4.23
C VAL B 159 -12.50 19.84 3.97
N GLU B 160 -13.37 20.83 4.17
CA GLU B 160 -14.81 20.65 3.91
C GLU B 160 -15.35 21.92 3.25
N TRP B 161 -16.51 21.78 2.63
CA TRP B 161 -17.16 22.89 1.96
C TRP B 161 -18.48 23.24 2.62
N ARG B 162 -18.74 24.54 2.70
CA ARG B 162 -19.83 25.11 3.45
C ARG B 162 -20.46 26.23 2.64
N SER B 163 -21.77 26.39 2.77
CA SER B 163 -22.46 27.49 2.11
C SER B 163 -23.54 27.99 3.05
N ASN B 164 -23.53 29.30 3.33
CA ASN B 164 -24.43 29.92 4.32
C ASN B 164 -24.17 29.41 5.74
N GLY B 165 -23.00 28.82 6.00
CA GLY B 165 -22.71 28.26 7.31
C GLY B 165 -22.99 26.76 7.42
N GLN B 166 -24.15 26.33 6.93
CA GLN B 166 -24.53 24.93 6.72
C GLN B 166 -23.54 24.15 5.84
N PRO B 167 -23.42 22.83 6.01
CA PRO B 167 -22.43 22.07 5.24
C PRO B 167 -22.80 22.00 3.75
N GLU B 168 -21.85 21.51 2.96
CA GLU B 168 -22.04 21.23 1.53
C GLU B 168 -21.65 19.80 1.23
N ASN B 169 -22.51 19.08 0.51
CA ASN B 169 -22.25 17.67 0.31
C ASN B 169 -21.44 17.35 -0.95
N ASN B 170 -21.62 18.08 -2.03
CA ASN B 170 -21.22 17.58 -3.35
C ASN B 170 -19.80 18.00 -3.72
N TYR B 171 -18.83 17.52 -2.95
CA TYR B 171 -17.43 17.86 -3.17
C TYR B 171 -16.55 16.62 -3.11
N LYS B 172 -15.40 16.70 -3.78
CA LYS B 172 -14.35 15.69 -3.69
C LYS B 172 -12.99 16.36 -3.47
N THR B 173 -12.07 15.64 -2.80
CA THR B 173 -10.74 16.19 -2.50
C THR B 173 -9.66 15.18 -2.88
N THR B 174 -8.55 15.69 -3.45
CA THR B 174 -7.41 14.84 -3.79
C THR B 174 -6.70 14.37 -2.52
N PRO B 175 -5.95 13.27 -2.61
CA PRO B 175 -5.03 12.94 -1.53
C PRO B 175 -3.90 13.96 -1.45
N PRO B 176 -3.34 14.17 -0.27
CA PRO B 176 -2.14 15.01 -0.18
C PRO B 176 -1.04 14.48 -1.06
N VAL B 177 -0.43 15.39 -1.84
CA VAL B 177 0.69 15.07 -2.72
C VAL B 177 1.89 15.95 -2.36
N LEU B 178 3.08 15.37 -2.53
CA LEU B 178 4.35 16.00 -2.18
C LEU B 178 4.77 17.00 -3.25
N ASP B 179 4.91 18.26 -2.86
CA ASP B 179 5.39 19.29 -3.76
C ASP B 179 6.92 19.25 -3.75
N SER B 180 7.55 19.82 -4.76
CA SER B 180 9.00 19.62 -4.85
C SER B 180 9.71 20.25 -3.67
N ASP B 181 9.15 21.31 -3.10
CA ASP B 181 9.74 21.93 -1.93
C ASP B 181 9.65 21.07 -0.69
N GLY B 182 9.20 19.81 -0.77
CA GLY B 182 9.09 18.97 0.41
C GLY B 182 7.82 19.11 1.22
N SER B 183 6.89 19.98 0.83
CA SER B 183 5.58 20.13 1.47
C SER B 183 4.47 19.58 0.55
N PHE B 184 3.27 19.60 1.08
CA PHE B 184 2.11 18.99 0.45
C PHE B 184 1.15 20.05 -0.07
N PHE B 185 0.37 19.64 -1.05
CA PHE B 185 -0.79 20.41 -1.46
C PHE B 185 -1.90 19.44 -1.84
N LEU B 186 -3.11 19.96 -1.86
CA LEU B 186 -4.21 19.23 -2.49
C LEU B 186 -5.16 20.27 -3.07
N TYR B 187 -6.15 19.79 -3.81
CA TYR B 187 -7.24 20.61 -4.31
C TYR B 187 -8.56 20.00 -3.85
N SER B 188 -9.56 20.88 -3.68
CA SER B 188 -10.93 20.50 -3.34
C SER B 188 -11.89 21.05 -4.39
N LYS B 189 -12.67 20.17 -5.01
CA LYS B 189 -13.62 20.58 -6.05
C LYS B 189 -15.02 20.38 -5.50
N LEU B 190 -15.80 21.45 -5.46
CA LEU B 190 -17.21 21.39 -5.10
C LEU B 190 -18.03 21.60 -6.35
N THR B 191 -18.94 20.71 -6.62
CA THR B 191 -19.80 20.80 -7.79
C THR B 191 -21.13 21.39 -7.34
N VAL B 192 -21.50 22.52 -7.91
CA VAL B 192 -22.76 23.19 -7.65
C VAL B 192 -23.51 23.36 -8.98
N ASP B 193 -24.81 23.52 -8.87
CA ASP B 193 -25.62 23.73 -10.06
C ASP B 193 -25.42 25.16 -10.51
N LYS B 194 -25.10 25.33 -11.79
CA LYS B 194 -24.67 26.64 -12.31
C LYS B 194 -25.60 27.77 -11.87
N SER B 195 -26.90 27.49 -11.82
CA SER B 195 -27.85 28.48 -11.31
C SER B 195 -27.48 28.93 -9.90
N ARG B 196 -27.15 27.98 -9.02
CA ARG B 196 -26.75 28.33 -7.67
C ARG B 196 -25.52 29.23 -7.67
N TRP B 197 -24.59 28.96 -8.58
CA TRP B 197 -23.39 29.79 -8.63
C TRP B 197 -23.69 31.18 -9.15
N GLN B 198 -24.51 31.28 -10.22
CA GLN B 198 -24.71 32.55 -10.91
C GLN B 198 -25.61 33.50 -10.14
N GLN B 199 -26.54 32.99 -9.38
CA GLN B 199 -27.39 33.82 -8.53
C GLN B 199 -26.62 34.54 -7.39
N GLY B 200 -25.28 34.59 -7.38
CA GLY B 200 -24.56 35.27 -6.32
C GLY B 200 -24.52 34.53 -5.00
N ASN B 201 -24.77 33.23 -5.00
CA ASN B 201 -24.58 32.42 -3.80
C ASN B 201 -23.10 32.42 -3.39
N VAL B 202 -22.85 32.65 -2.10
CA VAL B 202 -21.50 32.64 -1.53
C VAL B 202 -21.17 31.26 -1.03
N PHE B 203 -20.05 30.71 -1.49
CA PHE B 203 -19.55 29.41 -1.09
C PHE B 203 -18.25 29.55 -0.33
N SER B 204 -18.02 28.61 0.57
CA SER B 204 -16.94 28.70 1.52
C SER B 204 -16.14 27.41 1.64
N CYS B 205 -14.81 27.51 1.54
CA CYS B 205 -13.92 26.37 1.73
C CYS B 205 -13.33 26.43 3.13
N SER B 206 -13.47 25.36 3.91
CA SER B 206 -13.05 25.35 5.31
C SER B 206 -11.99 24.27 5.50
N VAL B 207 -10.84 24.63 6.08
CA VAL B 207 -9.72 23.71 6.19
C VAL B 207 -9.22 23.69 7.63
N MET B 208 -8.93 22.50 8.13
CA MET B 208 -8.37 22.33 9.47
C MET B 208 -7.02 21.64 9.37
N HIS B 209 -6.07 22.14 10.15
CA HIS B 209 -4.68 21.73 10.17
C HIS B 209 -4.02 22.37 11.38
N GLU B 210 -3.11 21.63 12.02
CA GLU B 210 -2.63 22.04 13.34
C GLU B 210 -1.81 23.33 13.31
N ALA B 211 -1.15 23.62 12.18
CA ALA B 211 -0.27 24.77 12.07
C ALA B 211 -1.02 26.08 11.88
N LEU B 212 -2.35 26.02 11.77
CA LEU B 212 -3.15 27.21 11.65
C LEU B 212 -3.48 27.76 13.03
N HIS B 213 -3.66 29.08 13.09
CA HIS B 213 -4.20 29.72 14.27
C HIS B 213 -5.62 29.23 14.47
N ASN B 214 -5.94 28.87 15.71
CA ASN B 214 -7.22 28.23 16.05
C ASN B 214 -7.43 26.91 15.31
N HIS B 215 -6.38 26.33 14.73
CA HIS B 215 -6.48 25.06 14.05
C HIS B 215 -7.51 25.10 12.91
N TYR B 216 -7.76 26.27 12.34
CA TYR B 216 -8.91 26.40 11.46
C TYR B 216 -8.78 27.60 10.53
N THR B 217 -9.35 27.47 9.31
CA THR B 217 -9.53 28.64 8.46
C THR B 217 -10.56 28.41 7.34
N GLN B 218 -11.30 29.52 7.02
CA GLN B 218 -11.95 29.82 5.73
C GLN B 218 -11.40 30.89 4.81
N LYS B 219 -11.86 30.69 3.57
CA LYS B 219 -11.81 31.56 2.40
C LYS B 219 -13.16 31.49 1.67
N SER B 220 -13.66 32.65 1.22
CA SER B 220 -14.98 32.72 0.60
C SER B 220 -14.86 32.85 -0.93
N LEU B 221 -16.00 32.70 -1.60
CA LEU B 221 -15.99 32.62 -3.07
C LEU B 221 -17.40 32.82 -3.59
N SER B 222 -17.54 33.76 -4.53
CA SER B 222 -18.83 34.19 -5.03
C SER B 222 -18.62 34.84 -6.39
N LEU B 223 -19.70 34.95 -7.16
CA LEU B 223 -19.64 35.64 -8.45
C LEU B 223 -19.12 37.07 -8.27
N GLN C 1 -1.62 -40.59 -5.19
CA GLN C 1 -1.13 -39.79 -4.07
C GLN C 1 -2.02 -38.57 -4.26
N VAL C 2 -3.31 -38.84 -3.99
CA VAL C 2 -4.42 -37.92 -4.27
C VAL C 2 -4.71 -37.00 -3.08
N GLN C 3 -4.77 -35.69 -3.34
CA GLN C 3 -5.34 -34.79 -2.34
C GLN C 3 -6.65 -34.23 -2.84
N LEU C 4 -7.54 -33.98 -1.90
CA LEU C 4 -8.87 -33.44 -2.16
C LEU C 4 -9.63 -34.31 -3.15
N GLN C 5 -10.35 -35.31 -2.65
CA GLN C 5 -11.15 -36.19 -3.49
C GLN C 5 -12.63 -35.91 -3.28
N GLU C 6 -13.32 -35.38 -4.30
CA GLU C 6 -14.74 -35.16 -4.08
C GLU C 6 -15.54 -36.35 -4.59
N SER C 7 -16.77 -36.46 -4.10
CA SER C 7 -17.62 -37.62 -4.38
C SER C 7 -19.08 -37.20 -4.22
N GLY C 8 -20.00 -38.10 -4.60
CA GLY C 8 -21.41 -37.85 -4.37
C GLY C 8 -22.11 -36.96 -5.39
N GLY C 9 -21.42 -36.55 -6.45
CA GLY C 9 -22.10 -35.92 -7.56
C GLY C 9 -23.05 -36.92 -8.26
N GLY C 10 -23.69 -36.43 -9.32
CA GLY C 10 -24.61 -37.27 -10.07
C GLY C 10 -25.63 -36.41 -10.79
N LEU C 11 -26.76 -37.04 -11.06
CA LEU C 11 -27.84 -36.43 -11.83
C LEU C 11 -29.10 -36.33 -11.00
N VAL C 12 -29.77 -35.19 -11.08
CA VAL C 12 -30.96 -34.90 -10.29
C VAL C 12 -31.88 -33.99 -11.10
N GLN C 13 -33.19 -34.12 -10.86
CA GLN C 13 -34.13 -33.24 -11.54
C GLN C 13 -34.45 -32.02 -10.67
N ALA C 14 -35.01 -31.01 -11.33
CA ALA C 14 -35.25 -29.71 -10.70
C ALA C 14 -36.04 -29.86 -9.41
N GLY C 15 -35.62 -29.11 -8.39
CA GLY C 15 -36.24 -29.21 -7.09
C GLY C 15 -35.67 -30.31 -6.23
N GLY C 16 -34.80 -31.17 -6.76
CA GLY C 16 -34.18 -32.22 -5.98
C GLY C 16 -33.01 -31.70 -5.17
N SER C 17 -32.24 -32.65 -4.63
CA SER C 17 -31.20 -32.36 -3.66
C SER C 17 -30.03 -33.32 -3.85
N LEU C 18 -28.86 -32.88 -3.41
CA LEU C 18 -27.69 -33.74 -3.52
C LEU C 18 -26.68 -33.29 -2.51
N ARG C 19 -25.96 -34.24 -1.90
CA ARG C 19 -24.96 -33.95 -0.89
C ARG C 19 -23.57 -34.26 -1.43
N LEU C 20 -22.87 -33.19 -1.82
CA LEU C 20 -21.47 -33.30 -2.23
C LEU C 20 -20.59 -33.45 -1.00
N SER C 21 -19.54 -34.25 -1.12
CA SER C 21 -18.55 -34.38 -0.07
C SER C 21 -17.15 -34.45 -0.65
N CYS C 22 -16.18 -34.08 0.17
CA CYS C 22 -14.81 -33.87 -0.26
C CYS C 22 -13.91 -34.27 0.89
N ALA C 23 -13.10 -35.31 0.70
CA ALA C 23 -12.18 -35.78 1.72
C ALA C 23 -10.77 -35.28 1.44
N ALA C 24 -10.14 -34.73 2.47
CA ALA C 24 -8.78 -34.20 2.34
C ALA C 24 -7.77 -35.19 2.86
N SER C 25 -6.58 -35.17 2.28
CA SER C 25 -5.41 -35.87 2.81
C SER C 25 -5.15 -35.45 4.26
N PRO C 26 -4.59 -36.35 5.06
CA PRO C 26 -4.23 -35.96 6.43
C PRO C 26 -3.34 -34.73 6.38
N GLY C 27 -3.61 -33.80 7.29
CA GLY C 27 -2.80 -32.60 7.44
C GLY C 27 -3.13 -31.41 6.59
N ILE C 28 -3.34 -31.60 5.29
CA ILE C 28 -3.41 -30.47 4.36
C ILE C 28 -4.58 -29.52 4.64
N SER C 29 -5.66 -29.98 5.27
CA SER C 29 -6.77 -29.05 5.49
C SER C 29 -6.82 -28.46 6.89
N ARG C 30 -6.18 -29.12 7.85
CA ARG C 30 -6.21 -28.72 9.25
C ARG C 30 -5.83 -27.24 9.44
N TYR C 31 -6.73 -26.50 10.11
CA TYR C 31 -6.60 -25.09 10.46
C TYR C 31 -6.70 -24.15 9.26
N LYS C 32 -7.20 -24.67 8.14
CA LYS C 32 -7.26 -24.01 6.85
C LYS C 32 -8.73 -24.01 6.40
N THR C 33 -9.18 -23.01 5.64
CA THR C 33 -10.57 -22.94 5.18
C THR C 33 -10.79 -23.71 3.86
N MET C 34 -11.90 -24.46 3.76
CA MET C 34 -12.26 -25.29 2.61
C MET C 34 -13.43 -24.68 1.83
N GLY C 35 -13.31 -24.63 0.49
CA GLY C 35 -14.32 -24.02 -0.32
C GLY C 35 -14.88 -24.95 -1.39
N TRP C 36 -16.04 -24.57 -1.92
CA TRP C 36 -16.65 -25.20 -3.08
C TRP C 36 -16.71 -24.18 -4.20
N TYR C 37 -16.31 -24.61 -5.40
CA TYR C 37 -16.40 -23.79 -6.59
C TYR C 37 -17.03 -24.62 -7.70
N ARG C 38 -17.70 -23.96 -8.65
CA ARG C 38 -18.31 -24.63 -9.77
C ARG C 38 -18.00 -23.93 -11.08
N GLN C 39 -17.95 -24.71 -12.17
CA GLN C 39 -17.62 -24.21 -13.49
C GLN C 39 -18.62 -24.76 -14.49
N ALA C 40 -19.35 -23.91 -15.11
CA ALA C 40 -20.25 -24.44 -16.13
C ALA C 40 -19.59 -24.44 -17.50
N PRO C 41 -19.92 -25.38 -18.39
CA PRO C 41 -19.30 -25.32 -19.72
C PRO C 41 -19.64 -23.98 -20.35
N GLY C 42 -18.66 -23.38 -21.01
CA GLY C 42 -18.84 -22.03 -21.48
C GLY C 42 -18.62 -20.94 -20.44
N LYS C 43 -18.19 -21.26 -19.23
CA LYS C 43 -17.87 -20.24 -18.23
C LYS C 43 -16.69 -20.71 -17.39
N GLU C 44 -16.05 -19.76 -16.72
CA GLU C 44 -14.91 -19.97 -15.83
C GLU C 44 -15.38 -20.40 -14.43
N ARG C 45 -14.43 -20.93 -13.64
CA ARG C 45 -14.68 -21.27 -12.24
C ARG C 45 -15.16 -20.07 -11.42
N SER C 46 -16.10 -20.33 -10.51
CA SER C 46 -16.68 -19.27 -9.70
C SER C 46 -17.02 -19.84 -8.32
N PHE C 47 -17.21 -18.92 -7.35
CA PHE C 47 -17.32 -19.32 -5.96
C PHE C 47 -18.73 -19.78 -5.61
N VAL C 48 -18.82 -20.79 -4.75
CA VAL C 48 -20.12 -21.30 -4.29
C VAL C 48 -20.26 -21.15 -2.77
N ALA C 49 -19.41 -21.85 -2.02
CA ALA C 49 -19.49 -21.79 -0.55
C ALA C 49 -18.10 -21.99 0.04
N ALA C 50 -17.91 -21.58 1.29
CA ALA C 50 -16.67 -21.91 2.00
C ALA C 50 -16.94 -21.89 3.48
N ILE C 51 -16.19 -22.71 4.21
CA ILE C 51 -16.31 -22.81 5.66
C ILE C 51 -14.91 -22.78 6.27
N THR C 52 -14.69 -21.84 7.19
CA THR C 52 -13.43 -21.76 7.91
C THR C 52 -13.36 -22.82 9.01
N TRP C 53 -12.12 -23.15 9.39
CA TRP C 53 -11.89 -24.15 10.43
C TRP C 53 -12.70 -23.89 11.71
N GLY C 54 -12.92 -22.61 12.07
CA GLY C 54 -13.77 -22.25 13.19
C GLY C 54 -15.25 -22.21 12.91
N GLY C 55 -15.68 -22.58 11.70
CA GLY C 55 -17.08 -22.76 11.41
C GLY C 55 -17.82 -21.58 10.83
N LEU C 56 -17.12 -20.53 10.42
CA LEU C 56 -17.78 -19.44 9.71
C LEU C 56 -17.98 -19.78 8.22
N THR C 57 -19.19 -19.53 7.72
CA THR C 57 -19.61 -19.94 6.40
C THR C 57 -19.82 -18.73 5.51
N TYR C 58 -19.45 -18.85 4.24
CA TYR C 58 -19.65 -17.81 3.25
C TYR C 58 -20.34 -18.38 2.01
N TYR C 59 -21.19 -17.57 1.38
CA TYR C 59 -21.94 -18.02 0.22
C TYR C 59 -21.98 -16.97 -0.90
N ALA C 60 -21.97 -17.42 -2.16
CA ALA C 60 -22.43 -16.54 -3.22
C ALA C 60 -23.94 -16.35 -3.11
N ASP C 61 -24.40 -15.17 -3.47
CA ASP C 61 -25.83 -14.89 -3.39
C ASP C 61 -26.65 -15.86 -4.27
N SER C 62 -26.03 -16.42 -5.33
CA SER C 62 -26.75 -17.35 -6.21
C SER C 62 -27.38 -18.50 -5.44
N VAL C 63 -26.79 -18.87 -4.29
CA VAL C 63 -27.10 -20.13 -3.62
C VAL C 63 -27.41 -19.92 -2.14
N LYS C 64 -27.25 -18.69 -1.65
CA LYS C 64 -27.63 -18.41 -0.27
C LYS C 64 -29.08 -18.82 -0.06
N GLY C 65 -29.33 -19.51 1.06
CA GLY C 65 -30.63 -20.06 1.39
C GLY C 65 -30.87 -21.43 0.81
N ARG C 66 -30.17 -21.78 -0.26
CA ARG C 66 -30.43 -23.02 -0.99
C ARG C 66 -29.33 -24.05 -0.82
N PHE C 67 -28.10 -23.60 -0.58
CA PHE C 67 -26.98 -24.49 -0.30
C PHE C 67 -26.52 -24.30 1.14
N THR C 68 -25.93 -25.35 1.69
CA THR C 68 -25.46 -25.36 3.07
C THR C 68 -24.14 -26.12 3.11
N VAL C 69 -23.05 -25.39 3.45
CA VAL C 69 -21.71 -25.95 3.58
C VAL C 69 -21.50 -26.35 5.03
N SER C 70 -20.80 -27.45 5.25
CA SER C 70 -20.56 -27.89 6.61
C SER C 70 -19.27 -28.69 6.64
N ARG C 71 -18.79 -29.02 7.83
CA ARG C 71 -17.43 -29.54 7.90
C ARG C 71 -17.33 -30.48 9.08
N ASP C 72 -16.65 -31.59 8.87
CA ASP C 72 -16.26 -32.48 9.97
C ASP C 72 -14.75 -32.32 10.12
N ASN C 73 -14.34 -31.41 11.00
CA ASN C 73 -12.91 -31.12 11.14
C ASN C 73 -12.12 -32.38 11.46
N ALA C 74 -12.68 -33.26 12.29
CA ALA C 74 -11.95 -34.46 12.66
C ALA C 74 -11.86 -35.45 11.49
N LYS C 75 -12.83 -35.46 10.60
CA LYS C 75 -12.69 -36.37 9.47
C LYS C 75 -11.97 -35.73 8.29
N ASN C 76 -11.62 -34.44 8.36
CA ASN C 76 -10.97 -33.71 7.27
C ASN C 76 -11.84 -33.68 6.03
N THR C 77 -13.16 -33.72 6.19
CA THR C 77 -14.05 -33.71 5.03
C THR C 77 -15.02 -32.54 5.14
N VAL C 78 -15.32 -31.96 3.98
CA VAL C 78 -16.26 -30.86 3.90
C VAL C 78 -17.45 -31.34 3.06
N TYR C 79 -18.63 -30.81 3.34
CA TYR C 79 -19.85 -31.27 2.71
C TYR C 79 -20.58 -30.08 2.12
N LEU C 80 -21.22 -30.29 0.98
CA LEU C 80 -22.09 -29.28 0.39
C LEU C 80 -23.46 -29.91 0.16
N GLN C 81 -24.47 -29.36 0.83
CA GLN C 81 -25.84 -29.85 0.73
C GLN C 81 -26.60 -28.89 -0.19
N MET C 82 -27.01 -29.41 -1.34
CA MET C 82 -27.64 -28.62 -2.38
C MET C 82 -29.13 -28.94 -2.34
N ASN C 83 -29.94 -27.91 -2.19
CA ASN C 83 -31.36 -28.12 -2.06
C ASN C 83 -32.09 -27.31 -3.11
N SER C 84 -33.31 -27.75 -3.42
CA SER C 84 -34.16 -27.08 -4.39
C SER C 84 -33.35 -26.69 -5.62
N LEU C 85 -32.74 -27.69 -6.26
CA LEU C 85 -31.81 -27.47 -7.36
C LEU C 85 -32.54 -26.99 -8.61
N LYS C 86 -31.98 -25.98 -9.28
CA LYS C 86 -32.54 -25.43 -10.50
C LYS C 86 -31.54 -25.62 -11.64
N PRO C 87 -32.00 -25.61 -12.90
CA PRO C 87 -31.11 -25.95 -14.02
C PRO C 87 -29.81 -25.16 -14.11
N GLU C 88 -29.69 -23.92 -13.62
CA GLU C 88 -28.34 -23.36 -13.58
C GLU C 88 -27.40 -24.14 -12.67
N ASP C 89 -27.90 -24.89 -11.70
CA ASP C 89 -26.94 -25.51 -10.80
C ASP C 89 -26.09 -26.62 -11.45
N THR C 90 -26.30 -26.90 -12.74
CA THR C 90 -25.51 -27.87 -13.50
C THR C 90 -24.11 -27.32 -13.75
N ALA C 91 -23.08 -28.07 -13.37
CA ALA C 91 -21.72 -27.57 -13.55
C ALA C 91 -20.79 -28.65 -13.05
N VAL C 92 -19.50 -28.45 -13.28
CA VAL C 92 -18.51 -29.24 -12.54
C VAL C 92 -18.27 -28.55 -11.22
N TYR C 93 -18.30 -29.33 -10.13
CA TYR C 93 -18.16 -28.80 -8.78
C TYR C 93 -16.82 -29.21 -8.21
N TYR C 94 -16.00 -28.22 -7.81
CA TYR C 94 -14.69 -28.45 -7.21
C TYR C 94 -14.66 -28.01 -5.75
N CYS C 95 -14.03 -28.81 -4.91
CA CYS C 95 -13.71 -28.32 -3.57
C CYS C 95 -12.25 -27.85 -3.53
N SER C 96 -11.97 -26.93 -2.60
CA SER C 96 -10.63 -26.39 -2.50
C SER C 96 -10.22 -26.26 -1.05
N VAL C 97 -8.92 -26.08 -0.86
CA VAL C 97 -8.37 -25.53 0.37
C VAL C 97 -7.90 -24.11 0.05
N ASP C 98 -8.42 -23.13 0.80
CA ASP C 98 -8.32 -21.72 0.44
C ASP C 98 -7.54 -20.92 1.48
N GLY C 99 -6.90 -19.84 1.02
CA GLY C 99 -6.26 -18.87 1.88
C GLY C 99 -6.66 -17.46 1.43
N GLY C 100 -5.90 -16.44 1.84
CA GLY C 100 -6.14 -15.12 1.30
C GLY C 100 -7.42 -14.44 1.81
N THR C 101 -8.04 -13.70 0.91
CA THR C 101 -9.22 -12.90 1.17
C THR C 101 -10.42 -13.48 0.42
N ARG C 102 -11.62 -13.16 0.91
CA ARG C 102 -12.80 -13.54 0.15
C ARG C 102 -12.75 -12.94 -1.25
N ALA C 103 -12.52 -11.63 -1.34
CA ALA C 103 -12.46 -10.97 -2.64
C ALA C 103 -11.30 -11.46 -3.49
N ASP C 104 -10.16 -11.83 -2.89
CA ASP C 104 -8.99 -12.36 -3.59
C ASP C 104 -8.47 -13.60 -2.87
N PRO C 105 -9.03 -14.78 -3.14
CA PRO C 105 -8.57 -15.98 -2.43
C PRO C 105 -7.33 -16.58 -3.07
N TYR C 106 -6.67 -17.46 -2.32
CA TYR C 106 -5.51 -18.18 -2.78
C TYR C 106 -5.80 -19.66 -2.55
N HIS C 107 -5.53 -20.49 -3.56
CA HIS C 107 -5.98 -21.89 -3.62
C HIS C 107 -4.79 -22.82 -3.39
N TYR C 108 -4.72 -23.44 -2.22
CA TYR C 108 -3.64 -24.38 -1.95
C TYR C 108 -3.83 -25.66 -2.73
N TYR C 109 -5.01 -26.26 -2.65
CA TYR C 109 -5.29 -27.53 -3.29
C TYR C 109 -6.64 -27.47 -3.96
N TRP C 110 -6.77 -28.24 -5.03
CA TRP C 110 -7.99 -28.36 -5.80
C TRP C 110 -8.40 -29.83 -5.85
N GLY C 111 -9.70 -30.06 -5.74
CA GLY C 111 -10.21 -31.38 -6.05
C GLY C 111 -10.23 -31.62 -7.54
N GLN C 112 -10.47 -32.87 -7.92
CA GLN C 112 -10.38 -33.17 -9.34
C GLN C 112 -11.69 -32.93 -10.06
N GLY C 113 -12.77 -32.64 -9.33
CA GLY C 113 -14.02 -32.17 -9.93
C GLY C 113 -15.06 -33.26 -10.13
N THR C 114 -16.32 -32.95 -9.84
CA THR C 114 -17.44 -33.84 -10.09
C THR C 114 -18.56 -33.10 -10.82
N GLN C 115 -19.14 -33.76 -11.83
CA GLN C 115 -20.21 -33.18 -12.64
C GLN C 115 -21.55 -33.38 -11.95
N VAL C 116 -22.38 -32.33 -11.98
CA VAL C 116 -23.68 -32.31 -11.35
C VAL C 116 -24.66 -31.75 -12.37
N THR C 117 -25.69 -32.53 -12.72
CA THR C 117 -26.59 -32.16 -13.81
C THR C 117 -28.01 -32.16 -13.27
N VAL C 118 -28.75 -31.10 -13.59
CA VAL C 118 -30.10 -30.87 -13.09
C VAL C 118 -31.06 -30.83 -14.28
N SER C 119 -31.90 -31.85 -14.39
CA SER C 119 -32.73 -31.94 -15.59
C SER C 119 -33.93 -30.99 -15.54
N SER C 120 -34.50 -30.75 -16.72
CA SER C 120 -35.67 -29.91 -16.94
C SER C 120 -36.78 -29.90 -15.87
N GLN D 1 17.40 -18.55 25.38
CA GLN D 1 16.93 -17.39 24.62
C GLN D 1 18.00 -16.89 23.65
N VAL D 2 17.59 -16.07 22.65
CA VAL D 2 18.53 -15.28 21.87
C VAL D 2 19.34 -14.27 22.60
N GLN D 3 20.64 -14.38 22.39
CA GLN D 3 21.70 -13.48 22.69
C GLN D 3 22.33 -12.98 21.42
N LEU D 4 22.90 -11.78 21.55
CA LEU D 4 23.71 -11.09 20.56
C LEU D 4 24.83 -10.49 21.42
N GLN D 5 25.90 -11.25 21.63
CA GLN D 5 26.97 -10.82 22.52
C GLN D 5 28.16 -10.33 21.69
N GLU D 6 28.47 -9.05 21.85
CA GLU D 6 29.51 -8.31 21.14
C GLU D 6 30.81 -8.29 21.92
N SER D 7 31.88 -7.93 21.23
CA SER D 7 33.23 -7.98 21.78
C SER D 7 34.11 -7.00 21.01
N GLY D 8 35.34 -6.86 21.46
CA GLY D 8 36.36 -6.11 20.76
C GLY D 8 36.41 -4.61 21.00
N GLY D 9 35.57 -4.05 21.86
CA GLY D 9 35.69 -2.63 22.15
C GLY D 9 37.00 -2.20 22.79
N GLY D 10 37.12 -0.90 23.06
CA GLY D 10 38.29 -0.36 23.72
C GLY D 10 38.54 1.06 23.27
N LEU D 11 39.79 1.48 23.49
CA LEU D 11 40.27 2.83 23.18
C LEU D 11 41.44 2.75 22.21
N VAL D 12 41.51 3.71 21.31
CA VAL D 12 42.49 3.76 20.23
C VAL D 12 42.73 5.24 19.96
N GLN D 13 43.92 5.60 19.48
CA GLN D 13 44.02 7.01 19.14
C GLN D 13 43.67 7.21 17.68
N ALA D 14 43.42 8.47 17.31
CA ALA D 14 42.89 8.80 15.99
C ALA D 14 43.77 8.21 14.89
N GLY D 15 43.13 7.65 13.88
CA GLY D 15 43.86 6.98 12.82
C GLY D 15 44.19 5.52 13.06
N GLY D 16 43.95 4.99 14.26
CA GLY D 16 44.14 3.57 14.50
C GLY D 16 42.95 2.76 13.98
N SER D 17 42.87 1.50 14.42
CA SER D 17 41.95 0.50 13.87
C SER D 17 41.42 -0.41 14.98
N LEU D 18 40.22 -0.99 14.77
CA LEU D 18 39.66 -1.94 15.72
C LEU D 18 38.57 -2.79 15.09
N ARG D 19 38.53 -4.05 15.46
CA ARG D 19 37.62 -5.05 14.90
C ARG D 19 36.58 -5.45 15.94
N LEU D 20 35.37 -4.92 15.78
CA LEU D 20 34.25 -5.35 16.59
C LEU D 20 33.69 -6.63 16.03
N SER D 21 33.24 -7.52 16.90
CA SER D 21 32.54 -8.69 16.40
C SER D 21 31.37 -8.97 17.33
N CYS D 22 30.37 -9.66 16.79
CA CYS D 22 29.11 -9.84 17.49
C CYS D 22 28.57 -11.23 17.15
N ALA D 23 28.48 -12.09 18.15
CA ALA D 23 28.05 -13.47 17.96
C ALA D 23 26.55 -13.61 18.20
N ALA D 24 25.89 -14.33 17.31
CA ALA D 24 24.45 -14.56 17.43
C ALA D 24 24.20 -15.94 18.02
N SER D 25 23.11 -16.03 18.79
CA SER D 25 22.61 -17.33 19.17
C SER D 25 22.27 -18.10 17.89
N PRO D 26 22.41 -19.43 17.91
CA PRO D 26 22.16 -20.23 16.70
C PRO D 26 20.75 -20.01 16.15
N GLY D 27 20.66 -20.02 14.82
CA GLY D 27 19.39 -19.93 14.10
C GLY D 27 18.88 -18.52 13.85
N ILE D 28 18.96 -17.67 14.87
CA ILE D 28 18.25 -16.39 14.88
C ILE D 28 18.73 -15.43 13.80
N SER D 29 20.00 -15.53 13.40
CA SER D 29 20.55 -14.63 12.40
C SER D 29 20.50 -15.24 11.01
N ARG D 30 20.37 -16.56 10.92
CA ARG D 30 20.32 -17.28 9.65
C ARG D 30 19.30 -16.67 8.70
N TYR D 31 19.76 -16.38 7.48
CA TYR D 31 18.98 -15.83 6.37
C TYR D 31 18.54 -14.38 6.61
N LYS D 32 19.11 -13.69 7.59
CA LYS D 32 18.68 -12.35 7.94
C LYS D 32 19.84 -11.37 7.90
N THR D 33 19.49 -10.09 7.86
CA THR D 33 20.48 -9.04 7.77
C THR D 33 21.01 -8.74 9.17
N MET D 34 22.33 -8.56 9.27
CA MET D 34 22.96 -8.13 10.52
C MET D 34 23.48 -6.72 10.30
N GLY D 35 23.15 -5.82 11.21
CA GLY D 35 23.55 -4.44 11.06
C GLY D 35 24.27 -3.95 12.31
N TRP D 36 25.05 -2.89 12.10
CA TRP D 36 25.74 -2.21 13.17
C TRP D 36 25.15 -0.82 13.34
N TYR D 37 24.95 -0.42 14.59
CA TYR D 37 24.46 0.88 15.00
C TYR D 37 25.35 1.40 16.12
N ARG D 38 25.54 2.72 16.16
CA ARG D 38 26.36 3.33 17.20
C ARG D 38 25.66 4.55 17.77
N GLN D 39 25.95 4.87 19.03
CA GLN D 39 25.29 5.99 19.71
C GLN D 39 26.27 6.83 20.51
N ALA D 40 26.39 8.10 20.16
CA ALA D 40 27.16 9.05 20.95
C ALA D 40 26.28 9.72 22.00
N PRO D 41 26.84 10.14 23.14
CA PRO D 41 26.03 10.90 24.11
C PRO D 41 25.54 12.23 23.54
N GLY D 42 24.30 12.59 23.87
CA GLY D 42 23.67 13.76 23.29
C GLY D 42 23.09 13.60 21.89
N LYS D 43 23.10 12.38 21.32
CA LYS D 43 22.59 12.09 19.98
C LYS D 43 21.80 10.79 20.03
N GLU D 44 21.04 10.51 18.97
CA GLU D 44 20.33 9.23 18.96
C GLU D 44 21.29 8.11 18.59
N ARG D 45 20.84 6.90 18.86
CA ARG D 45 21.46 5.74 18.22
C ARG D 45 21.31 5.90 16.72
N SER D 46 22.36 5.56 15.96
CA SER D 46 22.38 5.83 14.52
C SER D 46 23.08 4.72 13.74
N PHE D 47 22.76 4.66 12.46
CA PHE D 47 23.13 3.55 11.62
C PHE D 47 24.57 3.67 11.16
N VAL D 48 25.24 2.52 11.05
CA VAL D 48 26.63 2.48 10.59
C VAL D 48 26.80 1.59 9.35
N ALA D 49 26.46 0.32 9.50
CA ALA D 49 26.71 -0.63 8.44
C ALA D 49 25.66 -1.76 8.52
N ALA D 50 25.52 -2.49 7.42
CA ALA D 50 24.74 -3.73 7.45
C ALA D 50 25.17 -4.65 6.31
N ILE D 51 25.06 -5.95 6.55
CA ILE D 51 25.41 -6.95 5.55
C ILE D 51 24.30 -7.98 5.47
N THR D 52 23.80 -8.21 4.26
CA THR D 52 22.80 -9.24 4.02
C THR D 52 23.44 -10.62 4.05
N TRP D 53 22.58 -11.62 4.26
CA TRP D 53 23.00 -13.02 4.25
C TRP D 53 23.77 -13.39 2.99
N GLY D 54 23.43 -12.75 1.86
CA GLY D 54 24.16 -12.91 0.62
C GLY D 54 25.39 -12.05 0.40
N GLY D 55 25.81 -11.22 1.38
CA GLY D 55 27.03 -10.45 1.24
C GLY D 55 26.89 -9.05 0.70
N LEU D 56 25.69 -8.51 0.59
CA LEU D 56 25.54 -7.13 0.15
C LEU D 56 25.81 -6.20 1.33
N THR D 57 26.61 -5.16 1.13
CA THR D 57 27.01 -4.26 2.22
C THR D 57 26.46 -2.86 1.98
N TYR D 58 26.03 -2.21 3.07
CA TYR D 58 25.56 -0.82 3.08
C TYR D 58 26.25 -0.04 4.18
N TYR D 59 26.58 1.21 3.90
CA TYR D 59 27.37 2.02 4.81
C TYR D 59 26.74 3.40 4.96
N ALA D 60 26.80 3.97 6.17
CA ALA D 60 26.51 5.40 6.30
C ALA D 60 27.60 6.22 5.62
N ASP D 61 27.22 7.37 5.05
CA ASP D 61 28.21 8.15 4.30
C ASP D 61 29.36 8.58 5.18
N SER D 62 29.06 8.90 6.44
CA SER D 62 30.03 9.35 7.44
C SER D 62 31.20 8.39 7.55
N VAL D 63 31.00 7.14 7.13
CA VAL D 63 31.92 6.04 7.41
C VAL D 63 32.28 5.24 6.16
N LYS D 64 31.69 5.55 5.01
CA LYS D 64 32.08 4.88 3.78
C LYS D 64 33.58 5.04 3.55
N GLY D 65 34.24 3.97 3.10
CA GLY D 65 35.65 4.03 2.84
C GLY D 65 36.53 3.75 4.03
N ARG D 66 36.03 3.94 5.25
CA ARG D 66 36.86 3.72 6.43
C ARG D 66 36.43 2.51 7.25
N PHE D 67 35.16 2.11 7.21
CA PHE D 67 34.73 0.89 7.88
C PHE D 67 34.35 -0.19 6.86
N THR D 68 34.47 -1.44 7.27
CA THR D 68 34.16 -2.56 6.40
C THR D 68 33.47 -3.60 7.25
N VAL D 69 32.23 -3.88 6.92
CA VAL D 69 31.48 -4.91 7.61
C VAL D 69 31.64 -6.21 6.83
N SER D 70 31.68 -7.33 7.55
CA SER D 70 31.77 -8.64 6.92
C SER D 70 31.13 -9.62 7.88
N ARG D 71 31.00 -10.86 7.43
CA ARG D 71 30.19 -11.84 8.14
C ARG D 71 30.74 -13.22 7.89
N ASP D 72 30.73 -14.06 8.93
CA ASP D 72 30.96 -15.51 8.83
C ASP D 72 29.61 -16.21 9.02
N ASN D 73 28.93 -16.49 7.91
CA ASN D 73 27.59 -17.06 7.97
C ASN D 73 27.57 -18.38 8.73
N ALA D 74 28.62 -19.18 8.58
CA ALA D 74 28.60 -20.50 9.22
C ALA D 74 28.70 -20.44 10.74
N LYS D 75 29.47 -19.50 11.32
CA LYS D 75 29.59 -19.47 12.78
C LYS D 75 28.60 -18.53 13.46
N ASN D 76 27.71 -17.89 12.71
CA ASN D 76 26.71 -16.93 13.23
C ASN D 76 27.31 -15.67 13.85
N THR D 77 28.44 -15.20 13.34
CA THR D 77 29.05 -13.99 13.88
C THR D 77 29.25 -13.00 12.74
N VAL D 78 29.07 -11.71 13.04
CA VAL D 78 29.26 -10.62 12.09
C VAL D 78 30.33 -9.69 12.65
N TYR D 79 31.09 -9.03 11.74
CA TYR D 79 32.27 -8.23 12.09
C TYR D 79 32.19 -6.81 11.53
N LEU D 80 32.77 -5.87 12.25
CA LEU D 80 32.94 -4.49 11.77
C LEU D 80 34.40 -4.11 11.93
N GLN D 81 35.07 -3.80 10.82
CA GLN D 81 36.48 -3.43 10.81
C GLN D 81 36.59 -1.93 10.64
N MET D 82 37.14 -1.27 11.65
CA MET D 82 37.22 0.18 11.68
C MET D 82 38.65 0.63 11.43
N ASN D 83 38.81 1.46 10.40
CA ASN D 83 40.09 1.99 9.98
C ASN D 83 39.93 3.50 9.94
N SER D 84 41.06 4.21 10.03
CA SER D 84 41.01 5.66 10.10
C SER D 84 40.00 6.11 11.17
N LEU D 85 40.25 5.71 12.41
CA LEU D 85 39.30 6.06 13.46
C LEU D 85 39.46 7.54 13.78
N LYS D 86 38.36 8.29 13.78
CA LYS D 86 38.46 9.71 14.11
C LYS D 86 37.64 10.00 15.36
N PRO D 87 37.98 11.06 16.11
CA PRO D 87 37.33 11.30 17.42
C PRO D 87 35.82 11.30 17.37
N GLU D 88 35.23 11.64 16.24
CA GLU D 88 33.78 11.58 16.05
C GLU D 88 33.21 10.15 16.18
N ASP D 89 34.04 9.13 15.95
CA ASP D 89 33.63 7.72 15.99
C ASP D 89 33.45 7.17 17.43
N THR D 90 33.59 8.01 18.45
CA THR D 90 33.42 7.59 19.83
C THR D 90 31.95 7.35 20.17
N ALA D 91 31.63 6.13 20.63
CA ALA D 91 30.24 5.74 20.90
C ALA D 91 30.20 4.33 21.45
N VAL D 92 29.03 3.93 21.92
CA VAL D 92 28.69 2.53 22.11
C VAL D 92 28.13 2.03 20.79
N TYR D 93 28.56 0.84 20.39
CA TYR D 93 28.14 0.21 19.14
C TYR D 93 27.24 -0.98 19.45
N TYR D 94 26.04 -0.98 18.91
CA TYR D 94 25.13 -2.10 19.10
C TYR D 94 24.97 -2.82 17.77
N CYS D 95 25.01 -4.15 17.80
CA CYS D 95 24.70 -4.96 16.63
C CYS D 95 23.26 -5.41 16.67
N SER D 96 22.69 -5.64 15.48
CA SER D 96 21.28 -5.97 15.38
C SER D 96 21.04 -7.03 14.31
N VAL D 97 19.89 -7.69 14.41
CA VAL D 97 19.31 -8.49 13.34
C VAL D 97 18.13 -7.69 12.81
N ASP D 98 18.15 -7.40 11.50
CA ASP D 98 17.33 -6.38 10.88
C ASP D 98 16.41 -6.93 9.79
N GLY D 99 15.27 -6.24 9.60
CA GLY D 99 14.36 -6.50 8.51
C GLY D 99 13.91 -5.22 7.80
N GLY D 100 12.83 -5.29 7.01
CA GLY D 100 12.31 -4.08 6.39
C GLY D 100 13.21 -3.56 5.27
N THR D 101 13.28 -2.23 5.17
CA THR D 101 13.96 -1.51 4.09
C THR D 101 15.20 -0.81 4.64
N ARG D 102 16.12 -0.49 3.74
CA ARG D 102 17.27 0.32 4.12
C ARG D 102 16.84 1.70 4.65
N ALA D 103 15.95 2.39 3.94
CA ALA D 103 15.47 3.70 4.44
C ALA D 103 14.58 3.55 5.68
N ASP D 104 13.77 2.50 5.78
CA ASP D 104 12.86 2.27 6.91
C ASP D 104 13.06 0.84 7.41
N PRO D 105 14.02 0.61 8.30
CA PRO D 105 14.28 -0.74 8.80
C PRO D 105 13.40 -1.15 9.99
N TYR D 106 13.46 -2.45 10.30
CA TYR D 106 12.81 -3.04 11.47
C TYR D 106 13.83 -3.87 12.23
N HIS D 107 13.89 -3.70 13.56
CA HIS D 107 14.99 -4.23 14.38
C HIS D 107 14.49 -5.41 15.21
N TYR D 108 14.89 -6.62 14.82
CA TYR D 108 14.46 -7.82 15.51
C TYR D 108 15.10 -7.94 16.89
N TYR D 109 16.43 -7.87 16.95
CA TYR D 109 17.16 -8.04 18.20
C TYR D 109 18.32 -7.07 18.27
N TRP D 110 18.68 -6.71 19.51
CA TRP D 110 19.81 -5.84 19.79
C TRP D 110 20.81 -6.55 20.68
N GLY D 111 22.10 -6.35 20.41
CA GLY D 111 23.11 -6.72 21.37
C GLY D 111 23.17 -5.70 22.51
N GLN D 112 23.92 -6.05 23.56
CA GLN D 112 23.92 -5.20 24.76
C GLN D 112 24.96 -4.09 24.73
N GLY D 113 25.81 -4.02 23.71
CA GLY D 113 26.62 -2.82 23.53
C GLY D 113 28.08 -2.86 23.96
N THR D 114 28.94 -2.24 23.15
CA THR D 114 30.35 -2.11 23.48
C THR D 114 30.79 -0.68 23.30
N GLN D 115 31.62 -0.22 24.21
CA GLN D 115 32.16 1.13 24.10
C GLN D 115 33.42 1.08 23.26
N VAL D 116 33.55 2.07 22.39
CA VAL D 116 34.75 2.27 21.60
C VAL D 116 35.00 3.77 21.60
N THR D 117 36.14 4.18 22.12
CA THR D 117 36.42 5.60 22.25
C THR D 117 37.77 5.87 21.61
N VAL D 118 37.83 6.89 20.79
CA VAL D 118 39.08 7.21 20.10
C VAL D 118 39.50 8.60 20.54
N SER D 119 40.60 8.64 21.30
CA SER D 119 41.13 9.88 21.83
C SER D 119 41.93 10.60 20.74
N SER D 120 42.00 11.91 20.87
CA SER D 120 42.76 12.71 19.94
C SER D 120 44.18 12.90 20.49
#